data_5IHL
#
_entry.id   5IHL
#
_cell.length_a   156.600
_cell.length_b   158.300
_cell.length_c   200.700
_cell.angle_alpha   90.00
_cell.angle_beta   90.00
_cell.angle_gamma   90.00
#
_symmetry.space_group_name_H-M   'I 2 2 2'
#
loop_
_entity.id
_entity.type
_entity.pdbx_description
1 polymer 'Tumor necrosis factor receptor superfamily member 5'
2 polymer '3H56-5 domain antibody (dAb)'
3 non-polymer 'SULFATE ION'
#
loop_
_entity_poly.entity_id
_entity_poly.type
_entity_poly.pdbx_seq_one_letter_code
_entity_poly.pdbx_strand_id
1 'polypeptide(L)'
;PTACREKQYLINSQCCSLCQPGQKLVSDCTEFTETECLPCGESEFLDTWNRETHCHQHKYCDPNLGLRVQQKGTSETDTI
CTCEEGWHCTSEACESCVLHRSCSPGFGVKQIATGVSDTICEPCPVGFFSDVSSAFEKCHPWTSCETKDLVVQQAGTDKT
DVVCGPQDRLRDPGGGGGRLVPR
;
A,D,F,H
2 'polypeptide(L)'
;STEVQLLESGGGLVQPGGSLRLSCAASGFTFRDYEMWWVRQAPGKGLERVSAINPQGTRTYYADSVMGRFTISRDNSKNT
LYLQMNSLRAEDTAVYYCAKLPFTFDDWGQGTLVTVSSAAA
;
B,E,G,I
#
# COMPACT_ATOMS: atom_id res chain seq x y z
N PRO A 1 -6.32 -11.39 -18.80
CA PRO A 1 -6.76 -10.00 -18.96
C PRO A 1 -8.26 -9.83 -19.26
N THR A 2 -8.79 -8.58 -19.06
CA THR A 2 -10.18 -8.08 -19.27
C THR A 2 -11.32 -8.86 -18.54
N ALA A 3 -12.56 -8.79 -19.10
CA ALA A 3 -13.85 -9.36 -18.63
C ALA A 3 -14.21 -8.81 -17.25
N CYS A 4 -13.62 -9.38 -16.16
CA CYS A 4 -13.75 -8.96 -14.76
C CYS A 4 -15.11 -9.16 -14.13
N ARG A 5 -15.13 -9.97 -13.05
CA ARG A 5 -16.33 -10.31 -12.26
C ARG A 5 -17.07 -9.07 -11.70
N GLU A 6 -18.37 -9.22 -11.35
CA GLU A 6 -19.16 -8.15 -10.73
C GLU A 6 -18.68 -8.16 -9.30
N LYS A 7 -18.40 -6.96 -8.78
CA LYS A 7 -17.80 -6.67 -7.48
C LYS A 7 -16.27 -6.51 -7.67
N GLN A 8 -15.81 -6.50 -8.93
CA GLN A 8 -14.42 -6.26 -9.38
C GLN A 8 -14.47 -5.02 -10.30
N TYR A 9 -13.32 -4.37 -10.63
CA TYR A 9 -13.46 -3.21 -11.51
C TYR A 9 -12.43 -3.10 -12.62
N LEU A 10 -11.23 -3.69 -12.43
CA LEU A 10 -10.16 -3.70 -13.43
C LEU A 10 -9.47 -2.34 -13.57
N ILE A 11 -8.15 -2.38 -13.60
CA ILE A 11 -7.28 -1.24 -13.77
C ILE A 11 -5.91 -1.80 -14.06
N ASN A 12 -5.24 -1.17 -15.05
CA ASN A 12 -3.87 -1.45 -15.52
C ASN A 12 -3.49 -2.93 -15.41
N SER A 13 -4.33 -3.82 -16.05
CA SER A 13 -4.22 -5.28 -16.19
C SER A 13 -4.83 -6.15 -15.06
N GLN A 14 -4.80 -5.68 -13.78
CA GLN A 14 -5.33 -6.46 -12.65
C GLN A 14 -6.81 -6.29 -12.48
N CYS A 15 -7.48 -7.39 -12.12
CA CYS A 15 -8.91 -7.43 -11.82
C CYS A 15 -9.03 -7.22 -10.31
N CYS A 16 -9.29 -5.97 -9.89
CA CYS A 16 -9.41 -5.57 -8.48
C CYS A 16 -10.78 -5.63 -7.94
N SER A 17 -10.89 -5.97 -6.66
CA SER A 17 -12.17 -6.04 -5.96
C SER A 17 -12.61 -4.64 -5.54
N LEU A 18 -13.87 -4.30 -5.74
CA LEU A 18 -14.41 -2.98 -5.38
C LEU A 18 -14.51 -2.85 -3.85
N CYS A 19 -14.61 -1.61 -3.36
CA CYS A 19 -14.76 -1.35 -1.94
C CYS A 19 -16.21 -1.57 -1.62
N GLN A 20 -16.49 -2.24 -0.50
CA GLN A 20 -17.85 -2.51 -0.06
C GLN A 20 -18.55 -1.22 0.43
N PRO A 21 -19.90 -1.12 0.32
CA PRO A 21 -20.60 0.07 0.84
C PRO A 21 -20.19 0.43 2.26
N GLY A 22 -19.89 1.70 2.46
CA GLY A 22 -19.40 2.22 3.74
C GLY A 22 -17.87 2.28 3.84
N GLN A 23 -17.18 2.00 2.73
CA GLN A 23 -15.72 2.03 2.66
C GLN A 23 -15.25 2.69 1.36
N LYS A 24 -14.25 3.59 1.48
CA LYS A 24 -13.64 4.36 0.40
C LYS A 24 -12.35 3.74 -0.09
N LEU A 25 -11.99 4.01 -1.35
CA LEU A 25 -10.75 3.50 -1.95
C LEU A 25 -9.53 4.30 -1.49
N VAL A 26 -8.41 3.58 -1.25
CA VAL A 26 -7.16 4.22 -0.87
C VAL A 26 -6.06 3.74 -1.83
N SER A 27 -6.05 2.43 -2.18
CA SER A 27 -5.06 1.84 -3.08
C SER A 27 -5.65 0.78 -3.99
N ASP A 28 -5.27 0.82 -5.26
CA ASP A 28 -5.69 -0.15 -6.25
C ASP A 28 -4.93 -1.42 -5.88
N CYS A 29 -5.60 -2.58 -6.03
CA CYS A 29 -4.98 -3.87 -5.77
C CYS A 29 -3.81 -4.08 -6.74
N THR A 30 -2.80 -4.83 -6.30
CA THR A 30 -1.66 -5.17 -7.13
C THR A 30 -1.76 -6.64 -7.45
N GLU A 31 -0.64 -7.23 -7.88
CA GLU A 31 -0.59 -8.65 -8.18
C GLU A 31 -0.51 -9.42 -6.85
N PHE A 32 -0.12 -8.73 -5.79
CA PHE A 32 0.11 -9.36 -4.50
C PHE A 32 -0.76 -8.83 -3.39
N THR A 33 -1.31 -7.64 -3.55
CA THR A 33 -2.12 -7.01 -2.54
C THR A 33 -3.55 -6.80 -3.03
N GLU A 34 -4.53 -6.84 -2.11
CA GLU A 34 -5.94 -6.54 -2.39
C GLU A 34 -6.20 -5.05 -2.24
N THR A 35 -7.23 -4.58 -2.89
CA THR A 35 -7.60 -3.18 -2.91
C THR A 35 -7.70 -2.64 -1.48
N GLU A 36 -6.84 -1.63 -1.08
CA GLU A 36 -6.88 -0.96 0.25
C GLU A 36 -8.11 0.00 0.33
N CYS A 37 -9.11 -0.39 1.14
CA CYS A 37 -10.31 0.38 1.41
C CYS A 37 -10.33 0.72 2.86
N LEU A 38 -10.96 1.86 3.21
CA LEU A 38 -11.08 2.36 4.59
C LEU A 38 -12.44 2.96 4.85
N PRO A 39 -13.00 2.86 6.07
CA PRO A 39 -14.37 3.39 6.31
C PRO A 39 -14.58 4.89 6.16
N CYS A 40 -15.86 5.35 6.14
CA CYS A 40 -16.33 6.75 6.14
C CYS A 40 -16.60 7.21 7.62
N GLY A 41 -16.56 8.53 7.90
CA GLY A 41 -16.90 9.11 9.21
C GLY A 41 -18.40 9.08 9.42
N GLU A 42 -18.96 9.08 10.67
CA GLU A 42 -20.46 9.00 10.79
C GLU A 42 -21.19 10.37 10.46
N SER A 43 -20.61 11.03 9.46
CA SER A 43 -20.95 12.28 8.80
C SER A 43 -21.13 11.85 7.32
N GLU A 44 -20.15 11.06 6.85
CA GLU A 44 -19.98 10.54 5.51
C GLU A 44 -20.56 9.13 5.37
N PHE A 45 -20.90 8.78 4.12
CA PHE A 45 -21.43 7.48 3.70
C PHE A 45 -21.00 7.13 2.26
N LEU A 46 -21.18 5.85 1.92
CA LEU A 46 -20.91 5.40 0.57
C LEU A 46 -21.93 4.32 0.16
N ASP A 47 -22.81 4.76 -0.74
CA ASP A 47 -23.95 4.15 -1.42
C ASP A 47 -23.78 2.68 -1.90
N THR A 48 -22.68 2.41 -2.65
CA THR A 48 -22.42 1.17 -3.37
C THR A 48 -21.02 0.57 -3.23
N TRP A 49 -20.81 -0.55 -3.97
CA TRP A 49 -19.53 -1.21 -4.15
C TRP A 49 -18.82 -0.26 -5.11
N ASN A 50 -17.76 0.41 -4.63
CA ASN A 50 -17.14 1.50 -5.36
C ASN A 50 -15.63 1.48 -5.52
N ARG A 51 -15.15 2.46 -6.29
CA ARG A 51 -13.76 2.81 -6.52
C ARG A 51 -13.65 4.36 -6.32
N GLU A 52 -14.60 4.91 -5.53
CA GLU A 52 -14.65 6.33 -5.16
C GLU A 52 -13.65 6.53 -4.02
N THR A 53 -12.96 7.69 -3.98
CA THR A 53 -11.93 7.95 -2.95
C THR A 53 -12.39 8.91 -1.87
N HIS A 54 -13.60 9.49 -2.03
CA HIS A 54 -14.20 10.47 -1.12
C HIS A 54 -15.64 10.12 -0.79
N CYS A 55 -15.93 9.93 0.51
CA CYS A 55 -17.29 9.59 0.93
C CYS A 55 -18.26 10.79 0.79
N HIS A 56 -19.54 10.51 0.51
CA HIS A 56 -20.55 11.58 0.36
C HIS A 56 -21.11 11.94 1.75
N GLN A 57 -21.25 13.24 2.07
CA GLN A 57 -21.77 13.66 3.38
C GLN A 57 -23.29 13.40 3.44
N HIS A 58 -23.82 13.15 4.65
CA HIS A 58 -25.26 12.87 4.82
C HIS A 58 -26.16 14.05 4.48
N LYS A 59 -27.42 13.72 4.12
CA LYS A 59 -28.52 14.58 3.65
C LYS A 59 -28.70 15.91 4.39
N TYR A 60 -29.15 15.86 5.64
CA TYR A 60 -29.51 16.97 6.53
C TYR A 60 -30.91 17.50 6.23
N CYS A 61 -31.82 17.10 7.10
CA CYS A 61 -33.21 17.50 7.05
C CYS A 61 -33.28 18.80 7.90
N ASP A 62 -33.51 19.97 7.23
CA ASP A 62 -33.65 21.26 7.92
C ASP A 62 -35.11 21.43 8.35
N PRO A 63 -35.37 21.46 9.67
CA PRO A 63 -36.77 21.64 10.16
C PRO A 63 -37.41 22.93 9.64
N ASN A 64 -36.57 23.94 9.39
CA ASN A 64 -36.97 25.23 8.85
C ASN A 64 -37.30 25.11 7.34
N LEU A 65 -37.42 23.88 6.86
CA LEU A 65 -37.79 23.53 5.50
C LEU A 65 -38.89 22.49 5.59
N GLY A 66 -39.35 22.25 6.82
CA GLY A 66 -40.40 21.30 7.18
C GLY A 66 -39.96 19.85 7.19
N LEU A 67 -38.65 19.60 7.02
CA LEU A 67 -38.07 18.26 6.98
C LEU A 67 -37.70 17.77 8.37
N ARG A 68 -37.91 16.47 8.57
CA ARG A 68 -37.62 15.72 9.79
C ARG A 68 -36.76 14.48 9.37
N VAL A 69 -36.05 13.87 10.31
CA VAL A 69 -35.29 12.68 9.96
C VAL A 69 -36.16 11.44 10.10
N GLN A 70 -36.29 10.63 9.03
CA GLN A 70 -37.03 9.38 9.09
C GLN A 70 -35.99 8.31 9.47
N GLN A 71 -35.17 7.89 8.51
CA GLN A 71 -34.11 6.91 8.73
C GLN A 71 -32.79 7.61 9.00
N LYS A 72 -32.11 7.23 10.09
CA LYS A 72 -30.79 7.80 10.40
C LYS A 72 -29.77 7.22 9.42
N GLY A 73 -28.94 8.10 8.85
CA GLY A 73 -27.92 7.72 7.87
C GLY A 73 -26.76 6.98 8.50
N THR A 74 -26.40 5.86 7.90
CA THR A 74 -25.30 4.95 8.30
C THR A 74 -24.11 5.17 7.40
N SER A 75 -23.01 4.49 7.70
CA SER A 75 -21.81 4.57 6.85
C SER A 75 -22.03 4.03 5.42
N GLU A 76 -23.13 3.28 5.19
CA GLU A 76 -23.44 2.70 3.88
C GLU A 76 -24.80 3.17 3.33
N THR A 77 -25.51 4.02 4.08
CA THR A 77 -26.86 4.52 3.77
C THR A 77 -26.99 6.01 4.06
N ASP A 78 -27.49 6.81 3.10
CA ASP A 78 -27.72 8.25 3.30
C ASP A 78 -28.89 8.44 4.27
N THR A 79 -28.95 9.62 4.91
CA THR A 79 -30.02 10.01 5.81
C THR A 79 -31.29 10.13 4.97
N ILE A 80 -32.36 9.42 5.35
CA ILE A 80 -33.65 9.50 4.66
C ILE A 80 -34.55 10.52 5.39
N CYS A 81 -34.86 11.62 4.71
CA CYS A 81 -35.69 12.67 5.29
C CYS A 81 -37.17 12.34 5.08
N THR A 82 -38.05 13.08 5.78
CA THR A 82 -39.51 12.97 5.67
C THR A 82 -40.14 14.33 5.98
N CYS A 83 -41.30 14.62 5.36
CA CYS A 83 -41.96 15.87 5.61
C CYS A 83 -42.82 15.85 6.88
N GLU A 84 -42.95 17.03 7.54
CA GLU A 84 -43.60 17.29 8.82
C GLU A 84 -44.74 16.31 9.20
N GLU A 85 -45.96 16.53 8.66
CA GLU A 85 -47.18 15.77 8.96
C GLU A 85 -48.26 16.17 7.94
N GLY A 86 -48.75 17.42 8.03
CA GLY A 86 -49.73 17.93 7.08
C GLY A 86 -49.19 18.14 5.67
N TRP A 87 -47.88 17.93 5.48
CA TRP A 87 -47.20 18.19 4.23
C TRP A 87 -46.54 16.96 3.67
N HIS A 88 -46.34 16.89 2.33
CA HIS A 88 -45.61 15.77 1.74
C HIS A 88 -44.34 16.23 1.07
N CYS A 89 -43.41 15.28 0.93
CA CYS A 89 -42.11 15.51 0.37
C CYS A 89 -42.15 15.82 -1.09
N THR A 90 -41.69 17.01 -1.48
CA THR A 90 -41.78 17.55 -2.85
C THR A 90 -41.30 16.58 -3.98
N SER A 91 -40.59 15.46 -3.61
CA SER A 91 -39.97 14.46 -4.52
C SER A 91 -39.53 13.20 -3.75
N GLU A 92 -39.22 12.08 -4.50
CA GLU A 92 -38.70 10.77 -4.00
C GLU A 92 -37.50 11.01 -3.07
N ALA A 93 -36.66 11.96 -3.50
CA ALA A 93 -35.56 12.51 -2.73
C ALA A 93 -36.27 13.44 -1.77
N CYS A 94 -36.24 13.09 -0.49
CA CYS A 94 -36.92 13.96 0.45
C CYS A 94 -36.07 15.22 0.63
N GLU A 95 -36.26 16.20 -0.27
CA GLU A 95 -35.45 17.41 -0.32
C GLU A 95 -36.19 18.68 0.05
N SER A 96 -37.43 18.84 -0.45
CA SER A 96 -38.24 20.02 -0.10
C SER A 96 -39.61 19.56 0.38
N CYS A 97 -40.32 20.43 1.10
CA CYS A 97 -41.68 20.08 1.57
C CYS A 97 -42.74 20.84 0.82
N VAL A 98 -43.73 20.11 0.32
CA VAL A 98 -44.88 20.76 -0.30
C VAL A 98 -46.13 20.46 0.58
N LEU A 99 -47.13 21.35 0.57
CA LEU A 99 -48.38 21.09 1.26
C LEU A 99 -49.02 19.88 0.57
N HIS A 100 -49.10 19.88 -0.75
CA HIS A 100 -49.59 18.75 -1.51
C HIS A 100 -49.11 18.82 -2.97
N ARG A 101 -49.07 17.64 -3.64
CA ARG A 101 -48.64 17.48 -5.03
C ARG A 101 -49.68 18.11 -5.94
N SER A 102 -49.33 18.34 -7.23
CA SER A 102 -50.20 19.10 -8.11
C SER A 102 -50.74 18.43 -9.41
N CYS A 103 -50.69 17.11 -9.62
CA CYS A 103 -51.28 16.48 -10.83
C CYS A 103 -50.99 17.22 -12.18
N SER A 104 -49.83 16.84 -12.74
CA SER A 104 -49.28 17.36 -13.99
C SER A 104 -50.24 17.21 -15.23
N PRO A 105 -50.19 18.16 -16.19
CA PRO A 105 -51.09 18.16 -17.33
C PRO A 105 -51.89 16.89 -17.71
N GLY A 106 -51.32 15.81 -18.22
CA GLY A 106 -52.16 14.65 -18.62
C GLY A 106 -53.00 13.90 -17.58
N PHE A 107 -53.09 14.44 -16.36
CA PHE A 107 -53.78 13.83 -15.24
C PHE A 107 -54.78 14.75 -14.61
N GLY A 108 -55.76 14.14 -13.93
CA GLY A 108 -56.83 14.74 -13.12
C GLY A 108 -56.51 14.51 -11.64
N VAL A 109 -57.52 14.65 -10.73
CA VAL A 109 -57.40 14.56 -9.27
C VAL A 109 -58.41 13.56 -8.66
N LYS A 110 -58.12 13.09 -7.39
CA LYS A 110 -58.95 12.32 -6.41
C LYS A 110 -58.65 12.73 -4.89
N GLN A 111 -58.16 14.01 -4.65
CA GLN A 111 -58.04 14.87 -3.44
C GLN A 111 -57.10 14.51 -2.25
N ILE A 112 -56.57 15.54 -1.53
CA ILE A 112 -55.67 15.39 -0.36
C ILE A 112 -56.32 15.79 0.94
N ALA A 113 -56.05 15.00 2.03
CA ALA A 113 -56.64 15.22 3.36
C ALA A 113 -55.75 14.85 4.54
N THR A 114 -54.52 14.34 4.30
CA THR A 114 -53.50 13.97 5.31
C THR A 114 -53.95 12.94 6.40
N GLY A 115 -53.02 12.12 6.93
CA GLY A 115 -51.61 12.05 6.58
C GLY A 115 -51.44 11.49 5.20
N VAL A 116 -52.57 11.49 4.42
CA VAL A 116 -52.73 11.10 3.01
C VAL A 116 -52.40 12.35 2.13
N SER A 117 -51.30 12.97 2.57
CA SER A 117 -50.50 14.15 2.21
C SER A 117 -50.26 14.41 0.73
N ASP A 118 -50.93 13.63 -0.14
CA ASP A 118 -50.83 13.87 -1.55
C ASP A 118 -52.15 13.71 -2.20
N THR A 119 -52.21 14.17 -3.42
CA THR A 119 -53.48 14.37 -3.98
C THR A 119 -53.98 13.24 -4.88
N ILE A 120 -53.32 12.07 -4.95
CA ILE A 120 -53.93 10.95 -5.72
C ILE A 120 -54.49 11.37 -7.17
N CYS A 121 -53.59 11.25 -8.20
CA CYS A 121 -53.87 11.65 -9.58
C CYS A 121 -54.24 10.51 -10.52
N GLU A 122 -55.16 10.82 -11.40
CA GLU A 122 -55.70 9.88 -12.37
C GLU A 122 -55.31 10.27 -13.81
N PRO A 123 -54.71 9.33 -14.62
CA PRO A 123 -54.48 9.67 -16.04
C PRO A 123 -55.81 9.97 -16.69
N CYS A 124 -55.82 11.01 -17.53
CA CYS A 124 -57.04 11.38 -18.19
C CYS A 124 -57.67 10.22 -18.92
N PRO A 125 -58.99 9.99 -18.77
CA PRO A 125 -59.63 8.94 -19.56
C PRO A 125 -59.79 9.40 -21.02
N VAL A 126 -60.15 8.46 -21.91
CA VAL A 126 -60.40 8.80 -23.32
C VAL A 126 -61.44 9.90 -23.44
N GLY A 127 -61.19 10.85 -24.33
CA GLY A 127 -62.09 11.98 -24.54
C GLY A 127 -61.91 13.12 -23.56
N PHE A 128 -61.00 12.92 -22.61
CA PHE A 128 -60.72 13.92 -21.60
C PHE A 128 -59.30 14.36 -21.66
N PHE A 129 -59.10 15.60 -21.22
CA PHE A 129 -57.80 16.23 -21.16
C PHE A 129 -57.70 17.15 -19.97
N SER A 130 -56.47 17.43 -19.57
CA SER A 130 -56.10 18.39 -18.56
C SER A 130 -54.86 19.08 -18.98
N ASP A 131 -54.91 20.40 -19.01
CA ASP A 131 -53.76 21.27 -19.24
C ASP A 131 -53.44 21.70 -17.82
N VAL A 132 -52.41 22.54 -17.61
CA VAL A 132 -52.10 23.08 -16.27
C VAL A 132 -51.82 21.99 -15.12
N SER A 133 -51.01 22.38 -14.14
CA SER A 133 -50.82 21.55 -12.97
C SER A 133 -51.85 22.08 -11.93
N SER A 134 -52.68 21.17 -11.38
CA SER A 134 -53.69 21.56 -10.40
C SER A 134 -53.82 20.61 -9.30
N ALA A 135 -53.86 21.17 -8.11
CA ALA A 135 -54.04 20.49 -6.85
C ALA A 135 -55.50 20.03 -6.63
N PHE A 136 -56.48 20.67 -7.29
CA PHE A 136 -57.91 20.36 -7.09
C PHE A 136 -58.63 19.90 -8.35
N GLU A 137 -58.35 20.51 -9.51
CA GLU A 137 -59.08 20.20 -10.75
C GLU A 137 -58.99 18.75 -11.26
N LYS A 138 -60.06 18.32 -11.96
CA LYS A 138 -60.23 17.03 -12.62
C LYS A 138 -59.96 17.15 -14.17
N CYS A 139 -59.87 16.01 -14.92
CA CYS A 139 -59.74 16.05 -16.39
C CYS A 139 -61.07 16.58 -16.92
N HIS A 140 -61.03 17.29 -18.05
CA HIS A 140 -62.24 17.87 -18.63
C HIS A 140 -62.46 17.35 -20.02
N PRO A 141 -63.73 17.23 -20.46
CA PRO A 141 -63.96 16.67 -21.80
C PRO A 141 -63.67 17.67 -22.88
N TRP A 142 -63.28 17.17 -24.07
CA TRP A 142 -62.96 18.01 -25.22
C TRP A 142 -64.16 18.81 -25.67
N THR A 143 -63.90 19.99 -26.22
CA THR A 143 -64.96 20.82 -26.73
C THR A 143 -65.43 20.25 -28.06
N SER A 144 -66.76 20.20 -28.26
CA SER A 144 -67.30 19.65 -29.49
C SER A 144 -67.33 20.74 -30.53
N CYS A 145 -66.23 20.84 -31.32
CA CYS A 145 -66.09 21.81 -32.40
C CYS A 145 -67.38 21.92 -33.18
N GLU A 146 -67.96 20.74 -33.53
CA GLU A 146 -69.22 20.42 -34.20
C GLU A 146 -70.18 21.61 -34.31
N THR A 147 -70.47 22.29 -33.16
CA THR A 147 -71.27 23.52 -33.03
C THR A 147 -70.69 24.60 -33.97
N LYS A 148 -71.20 24.64 -35.22
CA LYS A 148 -70.79 25.56 -36.28
C LYS A 148 -69.27 25.72 -36.30
N ASP A 149 -68.57 24.60 -36.62
CA ASP A 149 -67.10 24.41 -36.74
C ASP A 149 -66.72 22.95 -37.04
N LEU A 150 -65.49 22.74 -37.54
CA LEU A 150 -64.95 21.43 -37.88
C LEU A 150 -63.61 21.24 -37.23
N VAL A 151 -63.42 20.09 -36.60
CA VAL A 151 -62.22 19.64 -35.94
C VAL A 151 -61.02 19.63 -36.91
N VAL A 152 -59.95 20.41 -36.65
CA VAL A 152 -58.83 20.39 -37.61
C VAL A 152 -57.69 19.43 -37.09
N GLN A 153 -57.35 19.44 -35.80
CA GLN A 153 -56.40 18.48 -35.20
C GLN A 153 -57.07 18.00 -33.90
N GLN A 154 -56.64 16.89 -33.29
CA GLN A 154 -57.32 16.43 -32.06
C GLN A 154 -56.55 16.74 -30.75
N ALA A 155 -57.20 16.51 -29.55
CA ALA A 155 -56.57 16.81 -28.25
C ALA A 155 -55.84 15.63 -27.51
N GLY A 156 -56.56 14.98 -26.62
CA GLY A 156 -56.03 13.86 -25.86
C GLY A 156 -55.06 14.21 -24.77
N THR A 157 -55.50 13.92 -23.53
CA THR A 157 -54.89 13.99 -22.19
C THR A 157 -54.16 15.30 -21.91
N ASP A 158 -53.12 15.59 -22.65
CA ASP A 158 -52.31 16.78 -22.45
C ASP A 158 -52.96 17.91 -23.23
N LYS A 159 -52.94 17.75 -24.58
CA LYS A 159 -53.40 18.68 -25.62
C LYS A 159 -54.79 19.21 -25.42
N THR A 160 -54.88 20.51 -25.69
CA THR A 160 -56.08 21.33 -25.58
C THR A 160 -57.14 20.91 -26.58
N ASP A 161 -58.35 20.70 -26.05
CA ASP A 161 -59.59 20.34 -26.72
C ASP A 161 -59.61 20.67 -28.24
N VAL A 162 -59.21 19.65 -29.00
CA VAL A 162 -59.21 19.43 -30.45
C VAL A 162 -59.09 20.71 -31.38
N VAL A 163 -58.30 21.73 -30.95
CA VAL A 163 -57.96 23.00 -31.66
C VAL A 163 -59.13 23.55 -32.62
N CYS A 164 -59.27 23.12 -33.91
CA CYS A 164 -60.29 23.49 -34.93
C CYS A 164 -60.56 25.05 -35.14
N GLY A 165 -60.98 25.52 -36.34
CA GLY A 165 -61.16 24.85 -37.62
C GLY A 165 -61.15 25.90 -38.73
N PRO A 166 -62.16 25.98 -39.65
CA PRO A 166 -63.41 25.21 -39.80
C PRO A 166 -63.40 24.35 -41.09
N GLN A 167 -64.62 23.92 -41.57
CA GLN A 167 -64.90 23.17 -42.82
C GLN A 167 -66.40 22.91 -43.07
N ASP A 168 -67.22 22.87 -42.00
CA ASP A 168 -68.66 22.64 -42.08
C ASP A 168 -69.42 23.38 -40.99
N THR B 2 -36.56 34.06 -1.12
CA THR B 2 -38.02 34.06 -0.93
C THR B 2 -38.62 35.50 -1.06
N GLU B 3 -39.04 35.85 -2.30
CA GLU B 3 -39.60 37.17 -2.65
C GLU B 3 -41.14 37.18 -2.75
N VAL B 4 -41.74 36.00 -2.61
CA VAL B 4 -43.20 35.88 -2.61
C VAL B 4 -43.74 36.40 -1.28
N GLN B 5 -44.64 37.40 -1.33
CA GLN B 5 -45.25 37.98 -0.13
C GLN B 5 -46.78 37.98 -0.21
N LEU B 6 -47.42 37.33 0.76
CA LEU B 6 -48.88 37.23 0.87
C LEU B 6 -49.32 37.83 2.19
N LEU B 7 -50.20 38.84 2.14
CA LEU B 7 -50.63 39.52 3.34
C LEU B 7 -52.12 39.35 3.66
N GLU B 8 -52.39 38.59 4.71
CA GLU B 8 -53.71 38.33 5.26
C GLU B 8 -54.21 39.56 5.96
N SER B 9 -55.51 39.79 5.82
CA SER B 9 -56.23 40.93 6.38
C SER B 9 -57.67 40.53 6.59
N GLY B 10 -58.33 41.18 7.54
CA GLY B 10 -59.74 40.99 7.84
C GLY B 10 -60.17 39.73 8.56
N GLY B 11 -59.52 39.46 9.69
CA GLY B 11 -59.88 38.35 10.57
C GLY B 11 -60.64 38.91 11.75
N GLY B 12 -60.78 38.12 12.82
CA GLY B 12 -61.43 38.59 14.04
C GLY B 12 -62.41 37.68 14.74
N LEU B 13 -62.97 38.22 15.84
CA LEU B 13 -63.97 37.57 16.67
C LEU B 13 -65.35 37.94 16.14
N VAL B 14 -66.23 36.95 16.05
CA VAL B 14 -67.57 37.13 15.52
C VAL B 14 -68.56 36.14 16.16
N GLN B 15 -69.81 36.58 16.40
CA GLN B 15 -70.88 35.78 17.00
C GLN B 15 -71.35 34.73 15.99
N PRO B 16 -71.87 33.54 16.43
CA PRO B 16 -72.29 32.51 15.45
C PRO B 16 -73.37 33.05 14.55
N GLY B 17 -73.22 32.75 13.26
CA GLY B 17 -74.11 33.21 12.21
C GLY B 17 -73.53 34.41 11.50
N GLY B 18 -72.45 34.93 12.07
CA GLY B 18 -71.73 36.09 11.56
C GLY B 18 -71.03 35.89 10.22
N SER B 19 -70.41 36.98 9.74
CA SER B 19 -69.71 37.02 8.47
C SER B 19 -68.37 37.74 8.56
N LEU B 20 -67.44 37.31 7.72
CA LEU B 20 -66.09 37.83 7.62
C LEU B 20 -65.53 37.61 6.22
N ARG B 21 -64.77 38.61 5.68
CA ARG B 21 -64.17 38.57 4.35
C ARG B 21 -62.66 38.69 4.46
N LEU B 22 -61.99 37.53 4.37
CA LEU B 22 -60.54 37.45 4.43
C LEU B 22 -59.97 37.98 3.13
N SER B 23 -58.88 38.73 3.24
CA SER B 23 -58.21 39.33 2.10
C SER B 23 -56.75 38.95 2.16
N CYS B 24 -56.24 38.28 1.12
CA CYS B 24 -54.84 37.87 1.02
C CYS B 24 -54.14 38.63 -0.12
N ALA B 25 -53.58 39.81 0.22
CA ALA B 25 -52.90 40.68 -0.73
C ALA B 25 -51.54 40.14 -1.17
N ALA B 26 -51.49 39.58 -2.38
CA ALA B 26 -50.28 38.98 -2.96
C ALA B 26 -49.39 39.98 -3.68
N SER B 27 -48.08 39.69 -3.66
CA SER B 27 -47.01 40.45 -4.31
C SER B 27 -45.79 39.55 -4.55
N GLY B 28 -44.98 39.90 -5.52
CA GLY B 28 -43.74 39.20 -5.82
C GLY B 28 -43.80 38.06 -6.82
N PHE B 29 -44.94 37.93 -7.54
CA PHE B 29 -45.13 36.88 -8.55
C PHE B 29 -46.36 37.16 -9.44
N THR B 30 -46.40 36.49 -10.61
CA THR B 30 -47.50 36.60 -11.58
C THR B 30 -48.75 35.87 -11.03
N PHE B 31 -49.39 36.50 -10.02
CA PHE B 31 -50.59 36.02 -9.31
C PHE B 31 -51.62 35.46 -10.28
N ARG B 32 -51.85 36.19 -11.38
CA ARG B 32 -52.77 35.86 -12.47
C ARG B 32 -52.56 34.46 -13.08
N ASP B 33 -51.36 33.88 -12.91
CA ASP B 33 -50.96 32.58 -13.47
C ASP B 33 -51.03 31.40 -12.52
N TYR B 34 -51.20 31.65 -11.21
CA TYR B 34 -51.14 30.62 -10.19
C TYR B 34 -52.44 30.29 -9.49
N GLU B 35 -52.64 28.98 -9.32
CA GLU B 35 -53.78 28.39 -8.64
C GLU B 35 -53.59 28.63 -7.13
N MET B 36 -54.66 29.08 -6.46
CA MET B 36 -54.58 29.47 -5.04
C MET B 36 -55.41 28.67 -4.04
N TRP B 37 -54.99 28.66 -2.72
CA TRP B 37 -55.70 27.93 -1.65
C TRP B 37 -55.89 28.70 -0.36
N TRP B 38 -56.91 28.31 0.41
CA TRP B 38 -57.20 28.79 1.75
C TRP B 38 -57.18 27.56 2.65
N VAL B 39 -56.39 27.60 3.71
CA VAL B 39 -56.27 26.51 4.67
C VAL B 39 -56.45 27.05 6.10
N ARG B 40 -57.10 26.27 6.97
CA ARG B 40 -57.21 26.71 8.36
C ARG B 40 -56.47 25.75 9.31
N GLN B 41 -55.84 26.30 10.36
CA GLN B 41 -55.09 25.54 11.36
C GLN B 41 -55.51 25.97 12.77
N ALA B 42 -55.81 24.97 13.60
CA ALA B 42 -56.23 25.19 14.98
C ALA B 42 -55.59 24.17 15.88
N PRO B 43 -55.28 24.50 17.14
CA PRO B 43 -54.71 23.45 18.01
C PRO B 43 -55.75 22.36 18.26
N GLY B 44 -55.40 21.14 17.91
CA GLY B 44 -56.33 20.03 18.08
C GLY B 44 -57.02 19.71 16.79
N LYS B 45 -57.60 20.73 16.14
CA LYS B 45 -58.26 20.57 14.86
C LYS B 45 -57.20 20.42 13.74
N GLY B 46 -55.94 20.60 14.13
CA GLY B 46 -54.71 20.57 13.32
C GLY B 46 -54.84 20.50 11.82
N LEU B 47 -54.62 21.63 11.11
CA LEU B 47 -54.65 21.82 9.65
C LEU B 47 -55.80 21.16 8.86
N GLU B 48 -56.46 21.97 8.02
CA GLU B 48 -57.60 21.57 7.18
C GLU B 48 -57.59 22.44 5.94
N ARG B 49 -57.58 21.78 4.75
CA ARG B 49 -57.64 22.49 3.46
C ARG B 49 -59.09 22.91 3.26
N VAL B 50 -59.34 24.24 3.22
CA VAL B 50 -60.70 24.83 3.15
C VAL B 50 -61.21 25.00 1.71
N SER B 51 -60.54 25.86 0.96
CA SER B 51 -60.96 26.12 -0.39
C SER B 51 -59.80 26.29 -1.36
N ALA B 52 -60.11 26.17 -2.67
CA ALA B 52 -59.16 26.32 -3.76
C ALA B 52 -59.81 27.06 -4.92
N ILE B 53 -58.98 27.81 -5.67
CA ILE B 53 -59.42 28.60 -6.84
C ILE B 53 -58.38 28.52 -7.94
N ASN B 54 -58.81 28.40 -9.19
CA ASN B 54 -57.88 28.35 -10.32
C ASN B 54 -57.43 29.77 -10.67
N PRO B 55 -56.32 29.93 -11.44
CA PRO B 55 -55.86 31.29 -11.80
C PRO B 55 -56.93 32.23 -12.37
N GLN B 56 -57.83 31.69 -13.21
CA GLN B 56 -58.88 32.51 -13.84
C GLN B 56 -60.02 32.86 -12.89
N GLY B 57 -60.42 31.92 -12.05
CA GLY B 57 -61.53 32.09 -11.13
C GLY B 57 -62.76 31.31 -11.56
N THR B 58 -62.67 30.63 -12.72
CA THR B 58 -63.71 29.79 -13.30
C THR B 58 -64.00 28.59 -12.36
N ARG B 59 -62.94 27.86 -11.99
CA ARG B 59 -63.06 26.68 -11.14
C ARG B 59 -62.69 26.98 -9.70
N THR B 60 -63.44 26.36 -8.78
CA THR B 60 -63.20 26.49 -7.35
C THR B 60 -63.41 25.15 -6.70
N TYR B 61 -62.83 24.96 -5.52
CA TYR B 61 -62.97 23.75 -4.74
C TYR B 61 -63.28 24.19 -3.35
N TYR B 62 -64.09 23.41 -2.66
CA TYR B 62 -64.47 23.69 -1.30
C TYR B 62 -64.54 22.37 -0.52
N ALA B 63 -64.14 22.43 0.76
CA ALA B 63 -64.28 21.30 1.65
C ALA B 63 -65.80 21.18 1.93
N ASP B 64 -66.27 19.93 2.10
CA ASP B 64 -67.71 19.71 2.39
C ASP B 64 -68.17 20.55 3.56
N SER B 65 -67.39 20.58 4.64
CA SER B 65 -67.62 21.33 5.87
C SER B 65 -68.02 22.78 5.67
N VAL B 66 -67.38 23.49 4.73
CA VAL B 66 -67.64 24.93 4.53
C VAL B 66 -68.66 25.28 3.40
N MET B 67 -68.90 24.32 2.51
CA MET B 67 -69.75 24.41 1.33
C MET B 67 -71.07 25.15 1.49
N GLY B 68 -71.28 26.15 0.64
CA GLY B 68 -72.52 26.90 0.65
C GLY B 68 -72.53 28.08 1.60
N ARG B 69 -71.63 28.06 2.57
CA ARG B 69 -71.46 29.11 3.57
C ARG B 69 -70.25 29.94 3.18
N PHE B 70 -69.16 29.26 2.78
CA PHE B 70 -67.94 29.94 2.39
C PHE B 70 -67.82 30.12 0.90
N THR B 71 -67.07 31.17 0.46
CA THR B 71 -66.90 31.53 -0.94
C THR B 71 -65.51 32.07 -1.27
N ILE B 72 -64.74 31.31 -2.06
CA ILE B 72 -63.42 31.73 -2.53
C ILE B 72 -63.60 32.65 -3.75
N SER B 73 -62.70 33.63 -3.90
CA SER B 73 -62.74 34.64 -4.96
C SER B 73 -61.38 35.31 -5.15
N ARG B 74 -61.24 36.06 -6.26
CA ARG B 74 -60.01 36.82 -6.59
C ARG B 74 -60.22 37.93 -7.63
N ASP B 75 -59.44 39.00 -7.46
CA ASP B 75 -59.34 40.12 -8.38
C ASP B 75 -57.89 40.12 -8.78
N ASN B 76 -57.61 39.61 -9.98
CA ASN B 76 -56.26 39.48 -10.50
C ASN B 76 -55.64 40.84 -10.82
N SER B 77 -56.48 41.85 -11.16
CA SER B 77 -56.02 43.21 -11.44
C SER B 77 -55.63 43.93 -10.16
N LYS B 78 -56.21 43.50 -9.02
CA LYS B 78 -55.92 44.02 -7.67
C LYS B 78 -54.93 43.07 -6.96
N ASN B 79 -54.67 41.88 -7.55
CA ASN B 79 -53.76 40.82 -7.08
C ASN B 79 -54.09 40.34 -5.65
N THR B 80 -55.39 40.30 -5.32
CA THR B 80 -55.85 39.89 -3.99
C THR B 80 -56.73 38.65 -4.05
N LEU B 81 -56.57 37.78 -3.06
CA LEU B 81 -57.33 36.54 -2.86
C LEU B 81 -58.33 36.81 -1.74
N TYR B 82 -59.51 36.18 -1.82
CA TYR B 82 -60.57 36.44 -0.85
C TYR B 82 -61.30 35.23 -0.34
N LEU B 83 -61.87 35.38 0.86
CA LEU B 83 -62.73 34.36 1.42
C LEU B 83 -63.95 34.96 2.09
N GLN B 84 -65.10 34.87 1.41
CA GLN B 84 -66.34 35.33 1.98
C GLN B 84 -66.92 34.19 2.82
N MET B 85 -66.68 34.29 4.15
CA MET B 85 -67.13 33.31 5.14
C MET B 85 -68.35 33.85 5.86
N ASN B 86 -69.53 33.34 5.45
CA ASN B 86 -70.82 33.71 6.02
C ASN B 86 -71.39 32.52 6.78
N SER B 87 -72.47 32.75 7.57
CA SER B 87 -73.17 31.74 8.38
C SER B 87 -72.16 30.97 9.25
N LEU B 88 -71.26 31.74 9.87
CA LEU B 88 -70.15 31.21 10.65
C LEU B 88 -70.57 30.42 11.88
N ARG B 89 -69.83 29.31 12.14
CA ARG B 89 -70.02 28.36 13.24
C ARG B 89 -68.71 28.19 14.06
N ALA B 90 -68.86 27.75 15.33
CA ALA B 90 -67.76 27.53 16.26
C ALA B 90 -66.59 26.75 15.72
N GLU B 91 -66.85 25.78 14.85
CA GLU B 91 -65.90 24.87 14.23
C GLU B 91 -64.91 25.62 13.34
N ASP B 92 -65.39 26.72 12.76
CA ASP B 92 -64.55 27.55 11.90
C ASP B 92 -63.47 28.37 12.69
N THR B 93 -63.55 28.40 14.04
CA THR B 93 -62.55 29.06 14.85
C THR B 93 -61.26 28.42 14.50
N ALA B 94 -60.38 29.21 13.84
CA ALA B 94 -59.04 28.82 13.39
C ALA B 94 -58.20 29.99 12.85
N VAL B 95 -56.94 29.68 12.53
CA VAL B 95 -55.98 30.58 11.93
C VAL B 95 -55.99 30.20 10.46
N TYR B 96 -56.41 31.14 9.64
CA TYR B 96 -56.55 30.91 8.22
C TYR B 96 -55.37 31.48 7.47
N TYR B 97 -54.87 30.67 6.51
CA TYR B 97 -53.74 30.93 5.65
C TYR B 97 -54.08 30.78 4.17
N CYS B 98 -53.38 31.55 3.34
CA CYS B 98 -53.49 31.51 1.88
C CYS B 98 -52.12 30.98 1.30
N ALA B 99 -52.19 30.24 0.15
CA ALA B 99 -51.12 29.51 -0.56
C ALA B 99 -50.45 30.19 -1.79
N LYS B 100 -49.78 29.38 -2.68
CA LYS B 100 -49.15 29.67 -3.98
C LYS B 100 -48.68 28.31 -4.46
N LEU B 101 -49.22 27.92 -5.62
CA LEU B 101 -49.17 26.61 -6.29
C LEU B 101 -48.07 25.66 -5.86
N PRO B 102 -46.78 25.93 -5.93
CA PRO B 102 -45.86 24.87 -5.47
C PRO B 102 -46.33 24.32 -4.11
N PHE B 103 -46.63 25.25 -3.15
CA PHE B 103 -47.07 25.07 -1.75
C PHE B 103 -45.92 24.76 -0.78
N THR B 104 -44.77 25.40 -1.05
CA THR B 104 -43.53 25.34 -0.26
C THR B 104 -43.64 26.40 0.84
N PHE B 105 -42.60 26.54 1.69
CA PHE B 105 -42.62 27.48 2.81
C PHE B 105 -42.73 28.94 2.44
N ASP B 106 -42.15 29.30 1.30
CA ASP B 106 -42.14 30.66 0.77
C ASP B 106 -43.54 31.09 0.38
N ASP B 107 -44.29 30.15 -0.18
CA ASP B 107 -45.65 30.25 -0.69
C ASP B 107 -46.77 30.51 0.33
N TRP B 108 -46.45 30.96 1.53
CA TRP B 108 -47.52 31.08 2.51
C TRP B 108 -47.73 32.45 3.06
N GLY B 109 -49.01 32.79 3.30
CA GLY B 109 -49.39 34.04 3.95
C GLY B 109 -49.07 34.03 5.44
N GLN B 110 -49.08 35.20 6.09
CA GLN B 110 -48.76 35.28 7.51
C GLN B 110 -49.87 34.72 8.42
N GLY B 111 -51.05 34.52 7.86
CA GLY B 111 -52.20 34.03 8.60
C GLY B 111 -53.01 35.13 9.26
N THR B 112 -54.26 34.82 9.57
CA THR B 112 -55.17 35.71 10.28
C THR B 112 -56.01 34.84 11.17
N LEU B 113 -56.29 35.31 12.39
CA LEU B 113 -57.06 34.53 13.34
C LEU B 113 -58.58 34.80 13.31
N VAL B 114 -59.36 33.70 13.37
CA VAL B 114 -60.82 33.67 13.41
C VAL B 114 -61.30 32.89 14.64
N THR B 115 -62.15 33.55 15.43
CA THR B 115 -62.69 33.05 16.69
C THR B 115 -64.16 33.44 16.79
N VAL B 116 -65.02 32.55 17.33
CA VAL B 116 -66.48 32.76 17.37
C VAL B 116 -67.09 33.10 18.79
N SER B 117 -67.01 32.13 19.75
CA SER B 117 -67.49 32.18 21.13
C SER B 117 -68.95 32.63 21.24
N SER B 118 -69.35 33.21 22.39
CA SER B 118 -70.70 33.72 22.65
C SER B 118 -70.69 34.78 23.74
N PRO C 1 -15.78 8.01 -14.04
CA PRO C 1 -15.55 8.43 -12.65
C PRO C 1 -14.50 7.55 -11.92
N THR C 2 -13.41 7.26 -12.66
CA THR C 2 -12.24 6.44 -12.35
C THR C 2 -11.46 6.83 -11.06
N ALA C 3 -11.55 8.11 -10.63
CA ALA C 3 -10.84 8.67 -9.45
C ALA C 3 -9.31 8.70 -9.64
N CYS C 4 -8.83 8.33 -10.84
CA CYS C 4 -7.42 8.34 -11.22
C CYS C 4 -7.21 8.38 -12.74
N ARG C 5 -6.95 9.61 -13.28
CA ARG C 5 -6.71 9.98 -14.68
C ARG C 5 -6.05 8.88 -15.51
N GLU C 6 -6.74 8.40 -16.55
CA GLU C 6 -6.33 7.32 -17.48
C GLU C 6 -4.83 7.29 -17.84
N LYS C 7 -4.23 6.07 -17.92
CA LYS C 7 -2.81 5.77 -18.26
C LYS C 7 -1.81 6.29 -17.24
N GLN C 8 -2.05 7.49 -16.70
CA GLN C 8 -1.25 8.04 -15.62
C GLN C 8 -1.59 7.09 -14.46
N TYR C 9 -2.91 6.83 -14.27
CA TYR C 9 -3.62 5.96 -13.31
C TYR C 9 -2.79 4.89 -12.59
N LEU C 10 -2.72 4.99 -11.25
CA LEU C 10 -2.05 4.09 -10.31
C LEU C 10 -2.45 4.75 -8.95
N ILE C 11 -3.14 4.03 -8.04
CA ILE C 11 -3.49 4.64 -6.77
C ILE C 11 -2.91 3.82 -5.55
N ASN C 12 -2.43 4.58 -4.49
CA ASN C 12 -1.99 4.20 -3.13
C ASN C 12 -1.94 5.41 -2.15
N SER C 13 -3.15 6.04 -1.97
CA SER C 13 -3.65 7.25 -1.25
C SER C 13 -3.66 8.42 -2.25
N GLN C 14 -2.62 8.44 -3.11
CA GLN C 14 -2.24 9.38 -4.17
C GLN C 14 -2.41 8.76 -5.55
N CYS C 15 -2.50 9.61 -6.60
CA CYS C 15 -2.61 9.24 -8.02
C CYS C 15 -1.20 9.32 -8.60
N CYS C 16 -0.69 8.17 -9.11
CA CYS C 16 0.67 8.04 -9.64
C CYS C 16 0.70 7.82 -11.12
N SER C 17 1.76 8.32 -11.78
CA SER C 17 1.98 8.15 -13.21
C SER C 17 2.65 6.79 -13.45
N LEU C 18 2.17 6.03 -14.44
CA LEU C 18 2.75 4.72 -14.75
C LEU C 18 4.10 4.88 -15.41
N CYS C 19 4.92 3.81 -15.42
CA CYS C 19 6.21 3.79 -16.10
C CYS C 19 5.93 3.61 -17.57
N GLN C 20 6.61 4.38 -18.41
CA GLN C 20 6.45 4.28 -19.86
C GLN C 20 7.05 2.98 -20.43
N PRO C 21 6.53 2.44 -21.56
CA PRO C 21 7.11 1.21 -22.13
C PRO C 21 8.62 1.31 -22.28
N GLY C 22 9.31 0.27 -21.84
CA GLY C 22 10.77 0.20 -21.82
C GLY C 22 11.39 0.62 -20.51
N GLN C 23 10.56 0.90 -19.50
CA GLN C 23 11.02 1.32 -18.19
C GLN C 23 10.24 0.60 -17.08
N LYS C 24 10.98 0.09 -16.08
CA LYS C 24 10.49 -0.67 -14.92
C LYS C 24 10.32 0.22 -13.70
N LEU C 25 9.42 -0.18 -12.80
CA LEU C 25 9.17 0.56 -11.56
C LEU C 25 10.24 0.32 -10.52
N VAL C 26 10.61 1.40 -9.79
CA VAL C 26 11.58 1.36 -8.70
C VAL C 26 10.96 1.96 -7.43
N SER C 27 10.16 3.06 -7.57
CA SER C 27 9.48 3.75 -6.47
C SER C 27 8.16 4.33 -6.87
N ASP C 28 7.12 4.07 -6.05
CA ASP C 28 5.77 4.58 -6.24
C ASP C 28 5.80 6.02 -5.85
N CYS C 29 5.06 6.85 -6.59
CA CYS C 29 4.99 8.27 -6.31
C CYS C 29 4.40 8.54 -4.91
N THR C 30 4.79 9.67 -4.30
CA THR C 30 4.23 10.12 -3.01
C THR C 30 3.40 11.38 -3.31
N GLU C 31 3.13 12.18 -2.29
CA GLU C 31 2.39 13.42 -2.50
C GLU C 31 3.35 14.47 -3.04
N PHE C 32 4.66 14.22 -2.88
CA PHE C 32 5.69 15.19 -3.25
C PHE C 32 6.65 14.70 -4.30
N THR C 33 6.75 13.38 -4.47
CA THR C 33 7.66 12.78 -5.44
C THR C 33 6.88 12.05 -6.53
N GLU C 34 7.38 12.08 -7.77
CA GLU C 34 6.75 11.40 -8.91
C GLU C 34 7.28 9.99 -9.01
N THR C 35 6.54 9.13 -9.73
CA THR C 35 6.83 7.70 -9.92
C THR C 35 8.20 7.49 -10.57
N GLU C 36 9.13 6.84 -9.84
CA GLU C 36 10.53 6.63 -10.20
C GLU C 36 10.80 5.35 -11.04
N CYS C 37 11.12 5.52 -12.32
CA CYS C 37 11.35 4.40 -13.24
C CYS C 37 12.78 4.30 -13.73
N LEU C 38 13.16 3.10 -14.26
CA LEU C 38 14.48 2.85 -14.82
C LEU C 38 14.39 1.94 -16.05
N PRO C 39 15.24 2.12 -17.08
CA PRO C 39 15.14 1.27 -18.27
C PRO C 39 15.40 -0.23 -18.05
N CYS C 40 14.90 -1.04 -18.99
CA CYS C 40 15.07 -2.49 -18.99
C CYS C 40 16.51 -2.90 -19.30
N GLY C 41 16.89 -4.10 -18.86
CA GLY C 41 18.22 -4.63 -19.08
C GLY C 41 18.50 -5.06 -20.52
N GLU C 42 19.62 -5.80 -20.69
CA GLU C 42 20.02 -6.33 -21.99
C GLU C 42 19.04 -7.42 -22.39
N SER C 43 18.47 -7.31 -23.59
CA SER C 43 17.49 -8.25 -24.15
C SER C 43 16.25 -8.45 -23.25
N GLU C 44 15.83 -7.34 -22.64
CA GLU C 44 14.66 -7.28 -21.77
C GLU C 44 13.84 -6.10 -22.19
N PHE C 45 12.51 -6.33 -22.31
CA PHE C 45 11.55 -5.32 -22.73
C PHE C 45 10.42 -5.20 -21.73
N LEU C 46 9.57 -4.16 -21.94
CA LEU C 46 8.35 -3.88 -21.19
C LEU C 46 7.28 -3.28 -22.08
N ASP C 47 6.42 -4.18 -22.51
CA ASP C 47 5.22 -4.13 -23.32
C ASP C 47 4.39 -2.82 -23.26
N THR C 48 4.05 -2.36 -22.04
CA THR C 48 3.12 -1.27 -21.76
C THR C 48 3.54 -0.24 -20.71
N TRP C 49 2.61 0.70 -20.44
CA TRP C 49 2.68 1.69 -19.37
C TRP C 49 2.37 0.82 -18.16
N ASN C 50 3.36 0.65 -17.27
CA ASN C 50 3.28 -0.31 -16.18
C ASN C 50 3.66 0.16 -14.80
N ARG C 51 3.44 -0.77 -13.83
CA ARG C 51 3.86 -0.67 -12.44
C ARG C 51 4.55 -2.02 -12.09
N GLU C 52 5.10 -2.68 -13.13
CA GLU C 52 5.85 -3.93 -13.06
C GLU C 52 7.26 -3.57 -12.60
N THR C 53 7.90 -4.41 -11.77
CA THR C 53 9.24 -4.13 -11.25
C THR C 53 10.35 -4.95 -11.93
N HIS C 54 9.96 -5.92 -12.78
CA HIS C 54 10.85 -6.83 -13.50
C HIS C 54 10.49 -6.91 -14.97
N CYS C 55 11.43 -6.54 -15.84
CA CYS C 55 11.26 -6.58 -17.29
C CYS C 55 11.18 -8.03 -17.81
N HIS C 56 10.39 -8.27 -18.88
CA HIS C 56 10.23 -9.61 -19.45
C HIS C 56 11.32 -9.82 -20.51
N GLN C 57 11.86 -11.06 -20.62
CA GLN C 57 12.86 -11.39 -21.64
C GLN C 57 12.16 -11.68 -22.97
N HIS C 58 12.73 -11.21 -24.08
CA HIS C 58 12.21 -11.34 -25.45
C HIS C 58 11.84 -12.77 -25.85
N LYS C 59 11.00 -12.91 -26.91
CA LYS C 59 10.63 -14.20 -27.51
C LYS C 59 11.90 -14.78 -28.16
N TYR C 60 12.03 -16.13 -28.19
CA TYR C 60 13.22 -16.77 -28.72
C TYR C 60 13.16 -17.08 -30.24
N CYS C 61 11.97 -17.47 -30.76
CA CYS C 61 11.76 -17.97 -32.14
C CYS C 61 12.66 -19.25 -32.27
N ASP C 62 12.06 -20.43 -31.98
CA ASP C 62 12.77 -21.70 -32.05
C ASP C 62 13.00 -22.19 -33.46
N PRO C 63 14.24 -22.57 -33.79
CA PRO C 63 14.51 -23.08 -35.14
C PRO C 63 13.80 -24.40 -35.44
N ASN C 64 13.77 -25.33 -34.46
CA ASN C 64 13.14 -26.65 -34.55
C ASN C 64 11.60 -26.55 -34.46
N LEU C 65 11.09 -25.35 -34.67
CA LEU C 65 9.66 -25.05 -34.73
C LEU C 65 9.40 -24.31 -36.04
N GLY C 66 10.50 -24.09 -36.78
CA GLY C 66 10.55 -23.40 -38.06
C GLY C 66 10.47 -21.90 -37.92
N LEU C 67 10.81 -21.40 -36.73
CA LEU C 67 10.74 -19.97 -36.45
C LEU C 67 12.08 -19.28 -36.54
N ARG C 68 12.06 -18.14 -37.24
CA ARG C 68 13.19 -17.26 -37.47
C ARG C 68 12.82 -15.87 -36.86
N VAL C 69 13.83 -15.03 -36.62
CA VAL C 69 13.54 -13.69 -36.10
C VAL C 69 13.32 -12.75 -37.28
N GLN C 70 12.16 -12.07 -37.33
CA GLN C 70 11.86 -11.08 -38.36
C GLN C 70 12.37 -9.75 -37.83
N GLN C 71 11.58 -9.10 -36.96
CA GLN C 71 11.95 -7.83 -36.34
C GLN C 71 12.68 -8.14 -35.05
N LYS C 72 13.82 -7.49 -34.80
CA LYS C 72 14.55 -7.64 -33.55
C LYS C 72 13.79 -6.84 -32.48
N GLY C 73 13.63 -7.42 -31.29
CA GLY C 73 12.94 -6.78 -30.18
C GLY C 73 13.76 -5.68 -29.54
N THR C 74 13.08 -4.59 -29.12
CA THR C 74 13.69 -3.43 -28.43
C THR C 74 13.33 -3.44 -26.94
N SER C 75 13.69 -2.36 -26.23
CA SER C 75 13.39 -2.20 -24.80
C SER C 75 11.88 -2.01 -24.49
N GLU C 76 11.07 -1.67 -25.51
CA GLU C 76 9.63 -1.42 -25.39
C GLU C 76 8.81 -2.34 -26.30
N THR C 77 9.50 -3.15 -27.15
CA THR C 77 8.88 -4.02 -28.16
C THR C 77 9.45 -5.44 -28.14
N ASP C 78 8.57 -6.46 -28.08
CA ASP C 78 8.98 -7.85 -28.10
C ASP C 78 9.47 -8.22 -29.49
N THR C 79 10.27 -9.29 -29.54
CA THR C 79 10.81 -9.85 -30.76
C THR C 79 9.63 -10.38 -31.61
N ILE C 80 9.59 -9.98 -32.89
CA ILE C 80 8.57 -10.43 -33.84
C ILE C 80 9.13 -11.62 -34.64
N CYS C 81 8.53 -12.80 -34.46
CA CYS C 81 8.95 -14.01 -35.16
C CYS C 81 8.37 -14.05 -36.58
N THR C 82 9.09 -14.71 -37.51
CA THR C 82 8.68 -14.90 -38.90
C THR C 82 8.89 -16.35 -39.20
N CYS C 83 7.97 -16.94 -39.93
CA CYS C 83 8.15 -18.33 -40.21
C CYS C 83 9.20 -18.54 -41.31
N GLU C 84 10.17 -19.44 -41.05
CA GLU C 84 11.33 -19.73 -41.89
C GLU C 84 11.01 -19.92 -43.37
N GLU C 85 11.19 -18.80 -44.10
CA GLU C 85 11.05 -18.51 -45.54
C GLU C 85 10.73 -19.75 -46.45
N GLY C 86 9.43 -19.93 -46.64
CA GLY C 86 8.81 -20.99 -47.41
C GLY C 86 7.41 -21.20 -46.86
N TRP C 87 7.34 -21.55 -45.58
CA TRP C 87 6.13 -21.80 -44.83
C TRP C 87 5.63 -20.46 -44.29
N HIS C 88 4.35 -20.35 -43.88
CA HIS C 88 3.82 -19.15 -43.24
C HIS C 88 3.37 -19.47 -41.82
N CYS C 89 3.24 -18.44 -40.99
CA CYS C 89 2.82 -18.66 -39.63
C CYS C 89 1.34 -19.01 -39.52
N THR C 90 1.07 -20.20 -38.93
CA THR C 90 -0.26 -20.80 -38.70
C THR C 90 -1.22 -19.74 -38.17
N SER C 91 -0.85 -19.19 -37.00
CA SER C 91 -1.51 -18.14 -36.24
C SER C 91 -1.24 -16.79 -36.90
N GLU C 92 -2.14 -15.82 -36.66
CA GLU C 92 -1.98 -14.45 -37.17
C GLU C 92 -0.95 -13.84 -36.22
N ALA C 93 0.33 -14.17 -36.51
CA ALA C 93 1.54 -13.90 -35.75
C ALA C 93 1.52 -14.66 -34.40
N CYS C 94 2.31 -15.73 -34.21
CA CYS C 94 3.28 -16.43 -35.06
C CYS C 94 3.87 -17.49 -34.13
N GLU C 95 3.03 -18.45 -33.71
CA GLU C 95 3.39 -19.47 -32.73
C GLU C 95 3.84 -20.79 -33.34
N SER C 96 3.12 -21.28 -34.38
CA SER C 96 3.43 -22.54 -35.05
C SER C 96 3.66 -22.31 -36.53
N CYS C 97 4.33 -23.25 -37.19
CA CYS C 97 4.61 -23.12 -38.61
C CYS C 97 3.89 -24.18 -39.47
N VAL C 98 3.26 -23.72 -40.59
CA VAL C 98 2.51 -24.51 -41.57
C VAL C 98 2.91 -24.17 -43.03
N LEU C 99 2.91 -25.18 -43.94
CA LEU C 99 3.28 -25.00 -45.36
C LEU C 99 2.40 -23.98 -46.15
N HIS C 100 1.09 -24.24 -46.29
CA HIS C 100 0.20 -23.35 -47.02
C HIS C 100 -0.91 -22.83 -46.13
N ARG C 101 -1.76 -21.98 -46.70
CA ARG C 101 -2.93 -21.41 -46.07
C ARG C 101 -4.16 -21.91 -46.85
N SER C 102 -4.70 -23.09 -46.48
CA SER C 102 -5.85 -23.72 -47.16
C SER C 102 -7.19 -22.95 -46.99
N CYS C 103 -7.92 -22.72 -48.10
CA CYS C 103 -9.19 -22.00 -48.13
C CYS C 103 -10.32 -22.83 -47.58
N SER C 104 -11.08 -22.24 -46.63
CA SER C 104 -12.27 -22.88 -46.08
C SER C 104 -13.42 -22.72 -47.11
N PRO C 105 -14.47 -23.60 -47.12
CA PRO C 105 -15.55 -23.43 -48.11
C PRO C 105 -16.05 -22.00 -48.06
N GLY C 106 -15.76 -21.24 -49.10
CA GLY C 106 -16.11 -19.83 -49.14
C GLY C 106 -16.23 -19.25 -50.53
N PHE C 107 -15.15 -18.79 -51.19
CA PHE C 107 -13.68 -18.84 -51.00
C PHE C 107 -13.07 -19.81 -52.02
N GLY C 108 -12.26 -19.25 -52.93
CA GLY C 108 -11.54 -19.96 -53.99
C GLY C 108 -10.03 -19.80 -53.89
N VAL C 109 -9.26 -20.34 -54.86
CA VAL C 109 -7.79 -20.25 -54.78
C VAL C 109 -7.19 -19.44 -55.94
N LYS C 110 -6.09 -18.72 -55.65
CA LYS C 110 -5.27 -17.93 -56.58
C LYS C 110 -3.71 -18.14 -56.31
N GLN C 111 -3.35 -19.41 -56.00
CA GLN C 111 -2.06 -20.10 -55.77
C GLN C 111 -1.00 -19.47 -54.84
N ILE C 112 -0.35 -20.36 -54.04
CA ILE C 112 0.66 -20.10 -53.00
C ILE C 112 2.11 -20.32 -53.42
N ALA C 113 2.55 -19.72 -54.54
CA ALA C 113 3.95 -19.86 -54.93
C ALA C 113 4.81 -18.91 -54.10
N THR C 114 5.26 -19.41 -52.92
CA THR C 114 6.08 -18.70 -51.94
C THR C 114 7.37 -18.13 -52.60
N GLY C 115 7.97 -17.02 -52.13
CA GLY C 115 7.77 -16.24 -50.90
C GLY C 115 6.43 -15.65 -50.55
N VAL C 116 5.38 -15.95 -51.34
CA VAL C 116 4.01 -15.54 -51.04
C VAL C 116 3.44 -16.78 -50.33
N SER C 117 3.86 -16.99 -49.04
CA SER C 117 3.48 -18.15 -48.24
C SER C 117 2.00 -18.18 -47.81
N ASP C 118 1.15 -17.63 -48.66
CA ASP C 118 -0.28 -17.65 -48.53
C ASP C 118 -0.85 -17.99 -49.87
N THR C 119 -1.95 -18.72 -49.84
CA THR C 119 -2.62 -19.28 -50.99
C THR C 119 -3.58 -18.28 -51.64
N ILE C 120 -3.96 -17.19 -50.93
CA ILE C 120 -4.84 -16.13 -51.46
C ILE C 120 -6.21 -16.70 -51.82
N CYS C 121 -7.19 -16.47 -50.95
CA CYS C 121 -8.53 -17.00 -51.15
C CYS C 121 -9.56 -15.96 -51.66
N GLU C 122 -10.01 -16.13 -52.92
CA GLU C 122 -11.03 -15.29 -53.62
C GLU C 122 -12.42 -15.42 -52.92
N PRO C 123 -13.50 -14.69 -53.30
CA PRO C 123 -14.76 -14.82 -52.53
C PRO C 123 -15.73 -15.92 -52.97
N CYS C 124 -15.82 -16.20 -54.29
CA CYS C 124 -16.70 -17.11 -55.03
C CYS C 124 -17.87 -16.33 -55.59
N PRO C 125 -17.85 -15.99 -56.90
CA PRO C 125 -18.98 -15.25 -57.50
C PRO C 125 -20.23 -16.12 -57.67
N VAL C 126 -21.40 -15.47 -57.91
CA VAL C 126 -22.71 -16.10 -58.10
C VAL C 126 -22.65 -17.38 -58.93
N GLY C 127 -23.33 -18.41 -58.45
CA GLY C 127 -23.36 -19.72 -59.06
C GLY C 127 -22.38 -20.62 -58.34
N PHE C 128 -21.06 -20.44 -58.65
CA PHE C 128 -19.89 -21.14 -58.09
C PHE C 128 -19.91 -21.21 -56.54
N PHE C 129 -19.39 -22.32 -55.94
CA PHE C 129 -19.52 -22.47 -54.49
C PHE C 129 -18.27 -22.86 -53.66
N SER C 130 -17.68 -24.07 -53.84
CA SER C 130 -16.55 -24.65 -53.06
C SER C 130 -17.05 -25.12 -51.66
N ASP C 131 -17.04 -26.44 -51.44
CA ASP C 131 -17.54 -27.08 -50.22
C ASP C 131 -16.45 -27.75 -49.35
N VAL C 132 -15.15 -27.48 -49.62
CA VAL C 132 -14.05 -28.10 -48.87
C VAL C 132 -12.90 -27.16 -48.47
N SER C 133 -11.92 -27.70 -47.71
CA SER C 133 -10.71 -26.98 -47.27
C SER C 133 -9.49 -27.27 -48.21
N SER C 134 -9.44 -26.52 -49.33
CA SER C 134 -8.40 -26.58 -50.35
C SER C 134 -8.09 -25.14 -50.80
N ALA C 135 -6.81 -24.67 -50.92
CA ALA C 135 -5.42 -25.20 -50.92
C ALA C 135 -4.93 -25.27 -52.37
N PHE C 136 -5.83 -25.65 -53.30
CA PHE C 136 -5.61 -25.67 -54.74
C PHE C 136 -6.89 -25.45 -55.51
N GLU C 137 -8.01 -26.10 -55.10
CA GLU C 137 -9.32 -26.04 -55.78
C GLU C 137 -9.74 -24.61 -56.13
N LYS C 138 -10.22 -24.41 -57.38
CA LYS C 138 -10.55 -23.10 -57.95
C LYS C 138 -11.99 -22.59 -57.73
N CYS C 139 -12.74 -23.14 -56.74
CA CYS C 139 -14.14 -22.76 -56.46
C CYS C 139 -15.03 -23.17 -57.64
N HIS C 140 -15.51 -24.42 -57.59
CA HIS C 140 -16.31 -25.09 -58.61
C HIS C 140 -17.68 -24.44 -58.89
N PRO C 141 -18.20 -24.45 -60.14
CA PRO C 141 -19.51 -23.84 -60.39
C PRO C 141 -20.67 -24.75 -59.98
N TRP C 142 -21.87 -24.17 -59.80
CA TRP C 142 -23.10 -24.88 -59.43
C TRP C 142 -23.57 -25.77 -60.58
N THR C 143 -24.24 -26.89 -60.25
CA THR C 143 -24.75 -27.86 -61.22
C THR C 143 -25.89 -27.28 -62.11
N SER C 144 -26.04 -27.82 -63.33
CA SER C 144 -27.04 -27.38 -64.33
C SER C 144 -28.49 -27.68 -63.97
N CYS C 145 -28.74 -28.82 -63.29
CA CYS C 145 -30.06 -29.31 -62.84
C CYS C 145 -31.00 -29.69 -63.99
N GLU C 146 -31.47 -28.70 -64.79
CA GLU C 146 -32.42 -28.80 -65.91
C GLU C 146 -32.40 -30.15 -66.65
N THR C 147 -31.21 -30.59 -67.14
CA THR C 147 -31.00 -31.86 -67.85
C THR C 147 -31.11 -33.04 -66.87
N LYS C 148 -32.04 -33.98 -67.16
CA LYS C 148 -32.38 -35.18 -66.37
C LYS C 148 -32.92 -34.80 -64.96
N ASP C 149 -34.24 -34.52 -64.90
CA ASP C 149 -35.03 -34.13 -63.71
C ASP C 149 -34.60 -32.78 -63.11
N LEU C 150 -35.32 -31.70 -63.50
CA LEU C 150 -35.08 -30.31 -63.09
C LEU C 150 -35.61 -29.98 -61.65
N VAL C 151 -36.00 -28.69 -61.41
CA VAL C 151 -36.54 -28.09 -60.17
C VAL C 151 -35.52 -27.97 -59.05
N VAL C 152 -35.56 -26.86 -58.31
CA VAL C 152 -34.63 -26.61 -57.20
C VAL C 152 -35.33 -26.67 -55.82
N GLN C 153 -35.21 -27.84 -55.15
CA GLN C 153 -35.76 -28.08 -53.82
C GLN C 153 -35.06 -27.16 -52.80
N GLN C 154 -33.73 -26.96 -52.97
CA GLN C 154 -32.88 -26.09 -52.16
C GLN C 154 -32.10 -25.08 -53.05
N ALA C 155 -31.65 -23.95 -52.44
CA ALA C 155 -30.95 -22.79 -53.03
C ALA C 155 -29.77 -23.11 -53.98
N GLY C 156 -28.53 -22.98 -53.46
CA GLY C 156 -27.28 -23.17 -54.21
C GLY C 156 -26.31 -22.04 -53.94
N THR C 157 -25.92 -21.87 -52.67
CA THR C 157 -25.04 -20.80 -52.20
C THR C 157 -23.56 -20.99 -52.56
N ASP C 158 -22.68 -20.69 -51.58
CA ASP C 158 -21.22 -20.76 -51.67
C ASP C 158 -20.67 -21.91 -50.80
N LYS C 159 -21.50 -22.94 -50.59
CA LYS C 159 -21.21 -24.16 -49.84
C LYS C 159 -22.12 -25.31 -50.33
N THR C 160 -23.44 -25.08 -50.46
CA THR C 160 -24.40 -26.07 -50.94
C THR C 160 -24.59 -25.95 -52.45
N ASP C 161 -24.75 -27.10 -53.15
CA ASP C 161 -24.98 -27.17 -54.61
C ASP C 161 -26.50 -27.13 -54.92
N VAL C 162 -27.00 -27.93 -55.89
CA VAL C 162 -28.43 -27.91 -56.25
C VAL C 162 -29.14 -29.24 -56.01
N VAL C 163 -30.25 -29.20 -55.23
CA VAL C 163 -31.08 -30.37 -54.90
C VAL C 163 -32.26 -30.46 -55.87
N CYS C 164 -32.17 -31.39 -56.85
CA CYS C 164 -33.19 -31.57 -57.88
C CYS C 164 -34.02 -32.86 -57.72
N GLY C 165 -35.31 -32.67 -57.44
CA GLY C 165 -36.26 -33.76 -57.25
C GLY C 165 -37.70 -33.35 -57.52
N SER D 1 5.84 -36.61 -29.30
CA SER D 1 5.68 -37.54 -30.43
C SER D 1 4.26 -37.50 -31.00
N THR D 2 4.13 -37.68 -32.33
CA THR D 2 2.81 -37.67 -32.97
C THR D 2 2.51 -39.03 -33.62
N GLU D 3 1.24 -39.22 -34.03
CA GLU D 3 0.73 -40.46 -34.62
C GLU D 3 0.77 -40.51 -36.14
N VAL D 4 0.86 -39.36 -36.83
CA VAL D 4 0.87 -39.33 -38.30
C VAL D 4 2.23 -39.81 -38.83
N GLN D 5 2.24 -40.90 -39.61
CA GLN D 5 3.47 -41.44 -40.20
C GLN D 5 3.35 -41.63 -41.71
N LEU D 6 4.25 -40.95 -42.47
CA LEU D 6 4.29 -41.01 -43.92
C LEU D 6 5.65 -41.54 -44.35
N LEU D 7 5.66 -42.63 -45.12
CA LEU D 7 6.92 -43.24 -45.52
C LEU D 7 7.16 -43.25 -47.02
N GLU D 8 8.13 -42.43 -47.42
CA GLU D 8 8.61 -42.29 -48.79
C GLU D 8 9.40 -43.52 -49.16
N SER D 9 9.24 -43.92 -50.43
CA SER D 9 9.87 -45.09 -51.02
C SER D 9 10.02 -44.84 -52.50
N GLY D 10 10.99 -45.50 -53.11
CA GLY D 10 11.22 -45.45 -54.55
C GLY D 10 11.84 -44.20 -55.14
N GLY D 11 12.97 -43.78 -54.59
CA GLY D 11 13.77 -42.68 -55.10
C GLY D 11 14.95 -43.26 -55.85
N GLY D 12 15.96 -42.44 -56.14
CA GLY D 12 17.17 -42.92 -56.82
C GLY D 12 17.77 -42.09 -57.94
N LEU D 13 18.89 -42.61 -58.49
CA LEU D 13 19.64 -42.01 -59.57
C LEU D 13 19.12 -42.54 -60.89
N VAL D 14 18.95 -41.64 -61.85
CA VAL D 14 18.39 -41.96 -63.15
C VAL D 14 18.96 -41.05 -64.25
N GLN D 15 19.15 -41.58 -65.47
CA GLN D 15 19.64 -40.80 -66.62
C GLN D 15 18.50 -39.88 -67.13
N PRO D 16 18.80 -38.71 -67.78
CA PRO D 16 17.72 -37.84 -68.26
C PRO D 16 16.83 -38.56 -69.27
N GLY D 17 15.53 -38.38 -69.10
CA GLY D 17 14.50 -39.03 -69.89
C GLY D 17 13.92 -40.22 -69.15
N GLY D 18 14.56 -40.56 -68.03
CA GLY D 18 14.19 -41.66 -67.16
C GLY D 18 12.86 -41.52 -66.45
N SER D 19 12.51 -42.56 -65.68
CA SER D 19 11.28 -42.64 -64.93
C SER D 19 11.46 -43.19 -63.54
N LEU D 20 10.60 -42.73 -62.62
CA LEU D 20 10.59 -43.10 -61.21
C LEU D 20 9.20 -42.94 -60.61
N ARG D 21 8.81 -43.86 -59.73
CA ARG D 21 7.52 -43.82 -59.07
C ARG D 21 7.77 -43.72 -57.60
N LEU D 22 7.41 -42.57 -57.04
CA LEU D 22 7.52 -42.31 -55.61
C LEU D 22 6.29 -42.88 -54.93
N SER D 23 6.49 -43.49 -53.77
CA SER D 23 5.42 -44.09 -53.01
C SER D 23 5.49 -43.55 -51.60
N CYS D 24 4.40 -42.90 -51.14
CA CYS D 24 4.31 -42.34 -49.80
C CYS D 24 3.28 -43.11 -48.96
N ALA D 25 3.74 -44.18 -48.29
CA ALA D 25 2.89 -45.05 -47.46
C ALA D 25 2.45 -44.38 -46.16
N ALA D 26 1.18 -43.95 -46.13
CA ALA D 26 0.59 -43.26 -44.97
C ALA D 26 0.00 -44.22 -43.95
N SER D 27 0.04 -43.78 -42.68
CA SER D 27 -0.49 -44.48 -41.50
C SER D 27 -0.78 -43.47 -40.38
N GLY D 28 -1.69 -43.83 -39.49
CA GLY D 28 -2.04 -43.03 -38.32
C GLY D 28 -3.13 -42.00 -38.48
N PHE D 29 -3.90 -42.05 -39.59
CA PHE D 29 -5.01 -41.13 -39.88
C PHE D 29 -5.90 -41.60 -41.01
N THR D 30 -7.13 -41.03 -41.09
CA THR D 30 -8.11 -41.34 -42.13
C THR D 30 -7.68 -40.70 -43.45
N PHE D 31 -6.64 -41.30 -44.08
CA PHE D 31 -6.02 -40.89 -45.34
C PHE D 31 -7.05 -40.51 -46.39
N ARG D 32 -8.10 -41.35 -46.51
CA ARG D 32 -9.24 -41.22 -47.41
C ARG D 32 -9.97 -39.88 -47.30
N ASP D 33 -9.81 -39.15 -46.17
CA ASP D 33 -10.48 -37.87 -45.90
C ASP D 33 -9.65 -36.61 -46.13
N TYR D 34 -8.32 -36.76 -46.31
CA TYR D 34 -7.42 -35.62 -46.40
C TYR D 34 -6.79 -35.36 -47.77
N GLU D 35 -6.62 -34.07 -48.08
CA GLU D 35 -5.96 -33.60 -49.31
C GLU D 35 -4.46 -33.78 -49.14
N MET D 36 -3.78 -34.18 -50.21
CA MET D 36 -2.36 -34.46 -50.21
C MET D 36 -1.52 -33.66 -51.20
N TRP D 37 -0.21 -33.53 -50.91
CA TRP D 37 0.73 -32.80 -51.77
C TRP D 37 2.10 -33.48 -51.91
N TRP D 38 2.78 -33.17 -53.02
CA TRP D 38 4.15 -33.57 -53.30
C TRP D 38 4.92 -32.28 -53.47
N VAL D 39 6.01 -32.13 -52.72
CA VAL D 39 6.87 -30.94 -52.75
C VAL D 39 8.34 -31.35 -52.88
N ARG D 40 9.12 -30.58 -53.64
CA ARG D 40 10.54 -30.89 -53.79
C ARG D 40 11.43 -29.78 -53.22
N GLN D 41 12.55 -30.16 -52.60
CA GLN D 41 13.49 -29.22 -51.98
C GLN D 41 14.91 -29.53 -52.47
N ALA D 42 15.55 -28.50 -53.07
CA ALA D 42 16.89 -28.57 -53.63
C ALA D 42 17.69 -27.45 -53.04
N PRO D 43 19.01 -27.62 -52.83
CA PRO D 43 19.78 -26.52 -52.24
C PRO D 43 19.91 -25.35 -53.21
N GLY D 44 19.47 -24.18 -52.76
CA GLY D 44 19.48 -22.98 -53.57
C GLY D 44 18.15 -22.74 -54.22
N LYS D 45 17.62 -23.77 -54.87
CA LYS D 45 16.32 -23.72 -55.52
C LYS D 45 15.22 -23.82 -54.45
N GLY D 46 15.65 -23.92 -53.19
CA GLY D 46 14.87 -24.02 -51.96
C GLY D 46 13.36 -24.11 -52.05
N LEU D 47 12.82 -25.32 -51.82
CA LEU D 47 11.39 -25.69 -51.80
C LEU D 47 10.54 -25.22 -53.00
N GLU D 48 9.78 -26.17 -53.54
CA GLU D 48 8.89 -25.99 -54.69
C GLU D 48 7.72 -26.95 -54.56
N ARG D 49 6.49 -26.42 -54.65
CA ARG D 49 5.28 -27.23 -54.59
C ARG D 49 5.09 -27.88 -55.96
N VAL D 50 5.14 -29.22 -56.02
CA VAL D 50 5.08 -29.98 -57.27
C VAL D 50 3.66 -30.31 -57.71
N SER D 51 2.96 -31.13 -56.91
CA SER D 51 1.63 -31.57 -57.25
C SER D 51 0.72 -31.70 -56.05
N ALA D 52 -0.60 -31.72 -56.31
CA ALA D 52 -1.65 -31.83 -55.31
C ALA D 52 -2.79 -32.71 -55.85
N ILE D 53 -3.62 -33.25 -54.93
CA ILE D 53 -4.74 -34.16 -55.22
C ILE D 53 -5.78 -34.08 -54.10
N ASN D 54 -7.05 -34.03 -54.45
CA ASN D 54 -8.08 -34.01 -53.42
C ASN D 54 -8.20 -35.44 -52.80
N PRO D 55 -8.84 -35.63 -51.61
CA PRO D 55 -8.94 -36.97 -51.01
C PRO D 55 -9.58 -38.08 -51.87
N GLN D 56 -10.50 -37.69 -52.75
CA GLN D 56 -11.23 -38.58 -53.66
C GLN D 56 -10.29 -39.02 -54.78
N GLY D 57 -9.48 -38.10 -55.27
CA GLY D 57 -8.54 -38.33 -56.37
C GLY D 57 -8.97 -37.69 -57.68
N THR D 58 -10.23 -37.17 -57.75
CA THR D 58 -10.87 -36.53 -58.92
C THR D 58 -10.11 -35.27 -59.43
N ARG D 59 -10.11 -34.16 -58.65
CA ARG D 59 -9.38 -32.93 -59.00
C ARG D 59 -7.89 -33.07 -58.65
N THR D 60 -7.00 -32.47 -59.46
CA THR D 60 -5.53 -32.52 -59.28
C THR D 60 -4.85 -31.18 -59.64
N TYR D 61 -3.69 -30.92 -59.03
CA TYR D 61 -2.88 -29.73 -59.31
C TYR D 61 -1.49 -30.14 -59.64
N TYR D 62 -0.90 -29.43 -60.59
CA TYR D 62 0.46 -29.67 -61.05
C TYR D 62 1.13 -28.31 -61.29
N ALA D 63 2.40 -28.20 -60.90
CA ALA D 63 3.19 -27.02 -61.21
C ALA D 63 3.42 -27.04 -62.72
N ASP D 64 3.48 -25.86 -63.36
CA ASP D 64 3.69 -25.80 -64.81
C ASP D 64 4.93 -26.60 -65.22
N SER D 65 6.03 -26.43 -64.49
CA SER D 65 7.31 -27.11 -64.70
C SER D 65 7.21 -28.62 -64.90
N VAL D 66 6.37 -29.33 -64.12
CA VAL D 66 6.27 -30.80 -64.19
C VAL D 66 5.14 -31.35 -65.09
N MET D 67 4.18 -30.50 -65.43
CA MET D 67 2.98 -30.80 -66.20
C MET D 67 3.17 -31.70 -67.41
N GLY D 68 2.38 -32.78 -67.42
CA GLY D 68 2.37 -33.73 -68.52
C GLY D 68 3.45 -34.80 -68.45
N ARG D 69 4.48 -34.56 -67.61
CA ARG D 69 5.59 -35.47 -67.37
C ARG D 69 5.32 -36.18 -66.06
N PHE D 70 4.87 -35.41 -65.05
CA PHE D 70 4.58 -35.98 -63.74
C PHE D 70 3.13 -36.27 -63.55
N THR D 71 2.82 -37.27 -62.68
CA THR D 71 1.45 -37.73 -62.43
C THR D 71 1.21 -38.12 -60.98
N ILE D 72 0.34 -37.34 -60.29
CA ILE D 72 -0.05 -37.63 -58.91
C ILE D 72 -1.18 -38.67 -58.94
N SER D 73 -1.20 -39.55 -57.92
CA SER D 73 -2.15 -40.66 -57.79
C SER D 73 -2.25 -41.14 -56.34
N ARG D 74 -3.34 -41.87 -56.02
CA ARG D 74 -3.58 -42.42 -54.67
C ARG D 74 -4.56 -43.61 -54.67
N ASP D 75 -4.20 -44.66 -53.89
CA ASP D 75 -5.01 -45.85 -53.64
C ASP D 75 -5.37 -45.72 -52.17
N ASN D 76 -6.60 -45.29 -51.90
CA ASN D 76 -7.09 -45.06 -50.55
C ASN D 76 -7.26 -46.37 -49.77
N SER D 77 -7.54 -47.49 -50.48
CA SER D 77 -7.69 -48.82 -49.88
C SER D 77 -6.33 -49.37 -49.46
N LYS D 78 -5.25 -48.92 -50.12
CA LYS D 78 -3.87 -49.28 -49.83
C LYS D 78 -3.21 -48.18 -48.97
N ASN D 79 -3.90 -47.03 -48.82
CA ASN D 79 -3.48 -45.84 -48.05
C ASN D 79 -2.11 -45.28 -48.49
N THR D 80 -1.81 -45.36 -49.79
CA THR D 80 -0.53 -44.89 -50.34
C THR D 80 -0.73 -43.78 -51.36
N LEU D 81 0.18 -42.80 -51.33
CA LEU D 81 0.25 -41.66 -52.25
C LEU D 81 1.35 -41.94 -53.26
N TYR D 82 1.18 -41.49 -54.51
CA TYR D 82 2.15 -41.79 -55.56
C TYR D 82 2.53 -40.64 -56.46
N LEU D 83 3.72 -40.75 -57.06
CA LEU D 83 4.17 -39.80 -58.04
C LEU D 83 4.87 -40.48 -59.19
N GLN D 84 4.16 -40.59 -60.33
CA GLN D 84 4.74 -41.15 -61.52
C GLN D 84 5.46 -40.04 -62.26
N MET D 85 6.78 -39.98 -62.06
CA MET D 85 7.67 -38.99 -62.64
C MET D 85 8.40 -39.58 -63.83
N ASN D 86 7.92 -39.26 -65.03
CA ASN D 86 8.49 -39.72 -66.29
C ASN D 86 9.12 -38.54 -67.03
N SER D 87 9.88 -38.83 -68.12
CA SER D 87 10.57 -37.84 -68.97
C SER D 87 11.38 -36.89 -68.09
N LEU D 88 12.11 -37.47 -67.12
CA LEU D 88 12.87 -36.76 -66.11
C LEU D 88 14.01 -35.91 -66.67
N ARG D 89 14.19 -34.72 -66.06
CA ARG D 89 15.18 -33.69 -66.42
C ARG D 89 16.01 -33.28 -65.18
N ALA D 90 17.23 -32.75 -65.43
CA ALA D 90 18.17 -32.30 -64.39
C ALA D 90 17.59 -31.41 -63.31
N GLU D 91 16.61 -30.58 -63.68
CA GLU D 91 15.92 -29.61 -62.84
C GLU D 91 15.15 -30.30 -61.74
N ASP D 92 14.68 -31.52 -62.04
CA ASP D 92 13.93 -32.32 -61.07
C ASP D 92 14.80 -32.90 -59.98
N THR D 93 16.15 -32.86 -60.15
CA THR D 93 17.10 -33.32 -59.12
C THR D 93 16.76 -32.48 -57.91
N ALA D 94 16.24 -33.17 -56.86
CA ALA D 94 15.78 -32.61 -55.59
C ALA D 94 15.30 -33.73 -54.67
N VAL D 95 14.96 -33.34 -53.41
CA VAL D 95 14.42 -34.22 -52.40
C VAL D 95 12.95 -33.99 -52.34
N TYR D 96 12.22 -35.06 -52.55
CA TYR D 96 10.78 -35.06 -52.64
C TYR D 96 10.14 -35.50 -51.34
N TYR D 97 9.12 -34.73 -50.94
CA TYR D 97 8.32 -34.93 -49.75
C TYR D 97 6.84 -34.96 -50.04
N CYS D 98 6.09 -35.71 -49.22
CA CYS D 98 4.65 -35.81 -49.28
C CYS D 98 4.07 -35.21 -48.00
N ALA D 99 2.97 -34.47 -48.14
CA ALA D 99 2.35 -33.84 -46.99
C ALA D 99 0.83 -33.88 -46.98
N LYS D 100 0.27 -34.08 -45.75
CA LYS D 100 -1.15 -34.15 -45.42
C LYS D 100 -1.60 -32.79 -44.89
N LEU D 101 -2.85 -32.37 -45.20
CA LEU D 101 -3.40 -31.08 -44.77
C LEU D 101 -3.29 -30.88 -43.25
N PRO D 102 -3.05 -29.65 -42.73
CA PRO D 102 -3.13 -28.32 -43.37
C PRO D 102 -1.92 -27.36 -43.45
N PHE D 103 -0.62 -27.75 -43.30
CA PHE D 103 -0.01 -29.07 -43.34
C PHE D 103 0.80 -29.47 -42.07
N THR D 104 1.49 -28.52 -41.38
CA THR D 104 2.24 -28.64 -40.10
C THR D 104 3.39 -29.65 -40.15
N PHE D 105 4.30 -29.57 -39.17
CA PHE D 105 5.48 -30.42 -39.09
C PHE D 105 5.23 -31.89 -39.01
N ASP D 106 4.16 -32.28 -38.32
CA ASP D 106 3.77 -33.67 -38.09
C ASP D 106 3.39 -34.36 -39.38
N ASP D 107 2.57 -33.69 -40.22
CA ASP D 107 2.02 -34.21 -41.47
C ASP D 107 3.03 -34.21 -42.68
N TRP D 108 4.32 -34.51 -42.42
CA TRP D 108 5.33 -34.63 -43.48
C TRP D 108 6.05 -35.95 -43.51
N GLY D 109 6.30 -36.43 -44.72
CA GLY D 109 7.06 -37.65 -44.96
C GLY D 109 8.56 -37.45 -44.70
N GLN D 110 9.33 -38.55 -44.61
CA GLN D 110 10.77 -38.47 -44.35
C GLN D 110 11.57 -37.98 -45.57
N GLY D 111 10.96 -37.99 -46.74
CA GLY D 111 11.62 -37.57 -47.96
C GLY D 111 12.34 -38.69 -48.69
N THR D 112 12.66 -38.45 -49.96
CA THR D 112 13.38 -39.39 -50.83
C THR D 112 14.22 -38.64 -51.84
N LEU D 113 15.47 -39.06 -52.03
CA LEU D 113 16.39 -38.39 -52.94
C LEU D 113 16.30 -38.86 -54.39
N VAL D 114 16.12 -37.89 -55.34
CA VAL D 114 16.06 -38.19 -56.78
C VAL D 114 17.20 -37.46 -57.47
N THR D 115 17.98 -38.23 -58.23
CA THR D 115 19.19 -37.76 -58.91
C THR D 115 19.12 -38.08 -60.39
N VAL D 116 19.82 -37.27 -61.23
CA VAL D 116 19.92 -37.48 -62.68
C VAL D 116 21.41 -37.47 -63.15
N SER D 117 21.71 -38.17 -64.28
CA SER D 117 23.06 -38.27 -64.85
C SER D 117 23.69 -36.92 -65.19
N SER D 118 22.84 -35.94 -65.62
CA SER D 118 23.21 -34.57 -65.99
C SER D 118 24.30 -34.51 -67.09
N THR E 2 21.16 -3.10 8.91
CA THR E 2 20.78 -2.53 10.21
C THR E 2 21.16 -1.02 10.25
N ALA E 3 21.71 -0.51 11.40
CA ALA E 3 22.05 0.88 11.72
C ALA E 3 20.74 1.73 11.69
N CYS E 4 20.30 2.13 10.47
CA CYS E 4 19.08 2.89 10.14
C CYS E 4 19.15 4.39 10.42
N ARG E 5 18.96 5.19 9.34
CA ARG E 5 19.02 6.65 9.30
C ARG E 5 18.05 7.38 10.27
N GLU E 6 18.17 8.73 10.35
CA GLU E 6 17.37 9.64 11.19
C GLU E 6 15.92 9.54 10.77
N LYS E 7 15.02 9.40 11.77
CA LYS E 7 13.57 9.24 11.66
C LYS E 7 13.17 8.19 10.56
N GLN E 8 13.80 7.02 10.67
CA GLN E 8 13.61 5.79 9.89
C GLN E 8 13.42 4.71 10.98
N TYR E 9 13.07 3.43 10.66
CA TYR E 9 12.93 2.49 11.77
C TYR E 9 13.32 1.01 11.49
N LEU E 10 13.09 0.46 10.28
CA LEU E 10 13.47 -0.93 9.93
C LEU E 10 12.76 -2.03 10.71
N ILE E 11 11.90 -2.79 9.98
CA ILE E 11 11.12 -3.91 10.48
C ILE E 11 11.82 -5.14 9.90
N ASN E 12 11.28 -5.65 8.81
CA ASN E 12 11.85 -6.80 8.16
C ASN E 12 12.85 -6.27 7.16
N SER E 13 13.50 -5.21 7.68
CA SER E 13 14.62 -4.39 7.29
C SER E 13 15.16 -4.67 5.88
N GLN E 14 14.94 -3.79 4.86
CA GLN E 14 14.16 -2.52 4.71
C GLN E 14 14.09 -1.58 5.94
N CYS E 15 14.69 -0.40 5.80
CA CYS E 15 14.70 0.70 6.73
C CYS E 15 13.55 1.63 6.26
N CYS E 16 12.47 1.76 7.05
CA CYS E 16 11.31 2.59 6.66
C CYS E 16 11.31 3.93 7.30
N SER E 17 10.70 4.93 6.65
CA SER E 17 10.62 6.30 7.17
C SER E 17 9.49 6.37 8.19
N LEU E 18 9.73 7.02 9.33
CA LEU E 18 8.71 7.13 10.39
C LEU E 18 7.60 8.09 9.95
N CYS E 19 6.41 7.95 10.58
CA CYS E 19 5.27 8.83 10.32
C CYS E 19 5.54 10.10 11.06
N GLN E 20 5.30 11.24 10.41
CA GLN E 20 5.50 12.56 11.01
C GLN E 20 4.46 12.85 12.09
N PRO E 21 4.78 13.69 13.12
CA PRO E 21 3.76 14.01 14.14
C PRO E 21 2.44 14.47 13.52
N GLY E 22 1.35 13.89 14.01
CA GLY E 22 0.01 14.15 13.52
C GLY E 22 -0.46 13.15 12.49
N GLN E 23 0.34 12.09 12.26
CA GLN E 23 0.04 11.04 11.28
C GLN E 23 0.35 9.66 11.86
N LYS E 24 -0.60 8.71 11.69
CA LYS E 24 -0.53 7.32 12.19
C LYS E 24 -0.07 6.36 11.11
N LEU E 25 0.55 5.24 11.52
CA LEU E 25 1.01 4.21 10.58
C LEU E 25 -0.15 3.36 10.08
N VAL E 26 -0.11 3.01 8.78
CA VAL E 26 -1.13 2.15 8.17
C VAL E 26 -0.44 0.98 7.50
N SER E 27 0.72 1.21 6.86
CA SER E 27 1.49 0.18 6.14
C SER E 27 2.97 0.37 6.26
N ASP E 28 3.71 -0.72 6.50
CA ASP E 28 5.17 -0.68 6.54
C ASP E 28 5.62 -0.46 5.08
N CYS E 29 6.65 0.35 4.88
CA CYS E 29 7.21 0.60 3.56
C CYS E 29 7.74 -0.73 2.98
N THR E 30 7.71 -0.86 1.66
CA THR E 30 8.26 -2.02 0.99
C THR E 30 9.53 -1.62 0.30
N GLU E 31 9.97 -2.40 -0.68
CA GLU E 31 11.15 -2.10 -1.45
C GLU E 31 10.81 -1.01 -2.46
N PHE E 32 9.51 -0.84 -2.75
CA PHE E 32 9.05 0.07 -3.78
C PHE E 32 8.10 1.13 -3.31
N THR E 33 7.49 0.92 -2.13
CA THR E 33 6.49 1.83 -1.58
C THR E 33 6.98 2.41 -0.26
N GLU E 34 6.59 3.67 0.01
CA GLU E 34 6.93 4.36 1.27
C GLU E 34 5.88 4.06 2.34
N THR E 35 6.25 4.19 3.58
CA THR E 35 5.39 3.94 4.72
C THR E 35 4.07 4.69 4.57
N GLU E 36 2.92 3.96 4.47
CA GLU E 36 1.58 4.57 4.36
C GLU E 36 1.20 5.11 5.74
N CYS E 37 1.16 6.45 5.85
CA CYS E 37 0.74 7.17 7.05
C CYS E 37 -0.50 7.97 6.72
N LEU E 38 -1.36 8.17 7.70
CA LEU E 38 -2.61 8.94 7.54
C LEU E 38 -2.88 9.82 8.76
N PRO E 39 -3.50 11.02 8.60
CA PRO E 39 -3.70 11.91 9.75
C PRO E 39 -4.58 11.37 10.86
N CYS E 40 -4.42 11.94 12.05
CA CYS E 40 -5.18 11.57 13.24
C CYS E 40 -6.65 11.96 13.14
N GLY E 41 -7.48 11.27 13.92
CA GLY E 41 -8.91 11.51 13.99
C GLY E 41 -9.29 12.83 14.63
N GLU E 42 -10.57 12.96 14.96
CA GLU E 42 -11.14 14.16 15.56
C GLU E 42 -10.65 14.23 17.01
N SER E 43 -9.96 15.34 17.36
CA SER E 43 -9.38 15.61 18.68
C SER E 43 -8.34 14.55 19.12
N GLU E 44 -7.72 13.86 18.14
CA GLU E 44 -6.69 12.84 18.33
C GLU E 44 -5.31 13.45 18.03
N PHE E 45 -4.23 12.87 18.57
CA PHE E 45 -2.88 13.41 18.33
C PHE E 45 -1.76 12.36 18.32
N LEU E 46 -0.66 12.69 17.66
CA LEU E 46 0.51 11.84 17.60
C LEU E 46 1.76 12.64 17.85
N ASP E 47 2.12 12.65 19.13
CA ASP E 47 3.25 13.26 19.83
C ASP E 47 4.55 13.44 19.01
N THR E 48 5.01 12.35 18.37
CA THR E 48 6.30 12.23 17.70
C THR E 48 6.31 11.60 16.30
N TRP E 49 7.54 11.43 15.75
CA TRP E 49 7.81 10.70 14.53
C TRP E 49 7.66 9.26 14.99
N ASN E 50 6.62 8.56 14.49
CA ASN E 50 6.22 7.26 15.03
C ASN E 50 6.00 6.13 14.04
N ARG E 51 5.76 4.94 14.62
CA ARG E 51 5.36 3.70 13.96
C ARG E 51 4.14 3.15 14.74
N GLU E 52 3.43 4.07 15.44
CA GLU E 52 2.22 3.81 16.22
C GLU E 52 1.05 3.76 15.22
N THR E 53 0.07 2.88 15.46
CA THR E 53 -1.07 2.71 14.54
C THR E 53 -2.35 3.34 15.06
N HIS E 54 -2.33 3.84 16.31
CA HIS E 54 -3.48 4.46 16.99
C HIS E 54 -3.08 5.78 17.63
N CYS E 55 -3.76 6.86 17.22
CA CYS E 55 -3.54 8.21 17.73
C CYS E 55 -4.01 8.34 19.17
N HIS E 56 -3.35 9.18 19.94
CA HIS E 56 -3.70 9.41 21.33
C HIS E 56 -4.85 10.43 21.49
N GLN E 57 -5.45 10.50 22.70
CA GLN E 57 -6.54 11.43 22.97
C GLN E 57 -6.07 12.64 23.72
N HIS E 58 -6.69 13.80 23.45
CA HIS E 58 -6.34 15.06 24.11
C HIS E 58 -6.76 15.07 25.57
N LYS E 59 -5.83 15.46 26.46
CA LYS E 59 -5.97 15.51 27.91
C LYS E 59 -7.42 15.77 28.41
N TYR E 60 -8.03 16.91 28.01
CA TYR E 60 -9.38 17.40 28.31
C TYR E 60 -9.44 18.69 29.19
N CYS E 61 -8.88 18.68 30.43
CA CYS E 61 -8.94 19.77 31.44
C CYS E 61 -10.36 19.93 32.02
N ASP E 62 -10.64 19.29 33.17
CA ASP E 62 -11.95 19.45 33.82
C ASP E 62 -12.02 20.69 34.68
N PRO E 63 -13.01 21.59 34.45
CA PRO E 63 -13.11 22.81 35.27
C PRO E 63 -13.46 22.49 36.73
N ASN E 64 -14.23 21.40 36.94
CA ASN E 64 -14.61 20.88 38.26
C ASN E 64 -13.44 20.16 38.91
N LEU E 65 -12.25 20.35 38.37
CA LEU E 65 -10.99 19.84 38.87
C LEU E 65 -10.03 21.03 38.98
N GLY E 66 -10.56 22.21 38.64
CA GLY E 66 -9.85 23.49 38.64
C GLY E 66 -8.95 23.67 37.43
N LEU E 67 -9.08 22.77 36.43
CA LEU E 67 -8.29 22.80 35.22
C LEU E 67 -8.98 23.63 34.16
N ARG E 68 -8.19 24.45 33.47
CA ARG E 68 -8.59 25.32 32.35
C ARG E 68 -7.70 24.95 31.14
N VAL E 69 -8.12 25.30 29.92
CA VAL E 69 -7.28 25.02 28.77
C VAL E 69 -6.33 26.20 28.53
N GLN E 70 -5.01 25.93 28.50
CA GLN E 70 -4.02 26.96 28.19
C GLN E 70 -3.82 26.90 26.69
N GLN E 71 -3.06 25.91 26.20
CA GLN E 71 -2.83 25.73 24.77
C GLN E 71 -3.87 24.75 24.20
N LYS E 72 -4.53 25.13 23.09
CA LYS E 72 -5.49 24.23 22.45
C LYS E 72 -4.68 23.17 21.72
N GLY E 73 -5.12 21.92 21.83
CA GLY E 73 -4.44 20.79 21.20
C GLY E 73 -4.44 20.85 19.68
N THR E 74 -3.46 20.16 19.08
CA THR E 74 -3.24 19.98 17.63
C THR E 74 -3.15 18.46 17.30
N SER E 75 -2.89 18.11 16.05
CA SER E 75 -2.72 16.69 15.69
C SER E 75 -1.32 16.22 16.10
N GLU E 76 -0.38 17.16 16.24
CA GLU E 76 1.02 16.90 16.60
C GLU E 76 1.27 17.07 18.10
N THR E 77 0.42 17.86 18.79
CA THR E 77 0.59 18.15 20.21
C THR E 77 -0.70 18.10 21.00
N ASP E 78 -0.59 17.59 22.24
CA ASP E 78 -1.69 17.44 23.20
C ASP E 78 -2.24 18.80 23.66
N THR E 79 -3.41 18.76 24.30
CA THR E 79 -4.00 19.95 24.89
C THR E 79 -3.16 20.20 26.14
N ILE E 80 -2.64 21.43 26.29
CA ILE E 80 -1.88 21.83 27.48
C ILE E 80 -2.84 22.51 28.47
N CYS E 81 -3.05 21.87 29.63
CA CYS E 81 -3.92 22.40 30.67
C CYS E 81 -3.16 23.42 31.54
N THR E 82 -3.91 24.16 32.39
CA THR E 82 -3.38 25.09 33.37
C THR E 82 -4.33 25.18 34.57
N CYS E 83 -3.79 25.47 35.77
CA CYS E 83 -4.63 25.60 36.95
C CYS E 83 -5.27 26.98 37.05
N GLU E 84 -6.47 27.02 37.66
CA GLU E 84 -7.24 28.24 37.78
C GLU E 84 -6.70 29.18 38.82
N GLU E 85 -6.16 30.30 38.31
CA GLU E 85 -5.60 31.51 38.94
C GLU E 85 -5.69 31.55 40.48
N GLY E 86 -4.59 31.17 41.12
CA GLY E 86 -4.51 31.11 42.57
C GLY E 86 -4.01 29.77 43.05
N TRP E 87 -4.10 28.77 42.16
CA TRP E 87 -3.65 27.40 42.38
C TRP E 87 -2.64 27.05 41.29
N HIS E 88 -1.73 26.08 41.53
CA HIS E 88 -0.79 25.60 40.49
C HIS E 88 -0.99 24.11 40.18
N CYS E 89 -0.42 23.61 39.07
CA CYS E 89 -0.61 22.22 38.72
C CYS E 89 0.23 21.28 39.54
N THR E 90 -0.45 20.32 40.24
CA THR E 90 0.10 19.29 41.15
C THR E 90 1.34 18.69 40.53
N SER E 91 1.11 18.06 39.38
CA SER E 91 2.05 17.37 38.49
C SER E 91 2.84 18.39 37.68
N GLU E 92 4.04 18.00 37.19
CA GLU E 92 4.87 18.82 36.33
C GLU E 92 4.18 18.72 34.97
N ALA E 93 3.10 19.53 34.83
CA ALA E 93 2.14 19.58 33.74
C ALA E 93 1.36 18.24 33.64
N CYS E 94 0.07 18.18 34.03
CA CYS E 94 -0.86 19.18 34.60
C CYS E 94 -2.19 18.41 34.67
N GLU E 95 -2.25 17.42 35.59
CA GLU E 95 -3.42 16.56 35.72
C GLU E 95 -4.40 16.98 36.81
N SER E 96 -3.88 17.35 37.99
CA SER E 96 -4.74 17.79 39.09
C SER E 96 -4.33 19.18 39.57
N CYS E 97 -5.22 19.86 40.31
CA CYS E 97 -4.92 21.20 40.82
C CYS E 97 -4.78 21.27 42.32
N VAL E 98 -3.76 22.02 42.77
CA VAL E 98 -3.40 22.19 44.17
C VAL E 98 -3.18 23.68 44.52
N LEU E 99 -3.58 24.10 45.75
CA LEU E 99 -3.44 25.46 46.25
C LEU E 99 -1.98 25.93 46.22
N HIS E 100 -1.05 25.09 46.65
CA HIS E 100 0.38 25.37 46.59
C HIS E 100 1.21 24.10 46.69
N ARG E 101 2.53 24.28 46.46
CA ARG E 101 3.52 23.21 46.51
C ARG E 101 3.85 22.85 47.94
N SER E 102 4.09 21.56 48.22
CA SER E 102 4.45 21.09 49.57
C SER E 102 5.93 20.69 49.50
N CYS E 103 6.82 21.66 49.71
CA CYS E 103 8.27 21.52 49.63
C CYS E 103 8.85 20.47 50.56
N SER E 104 10.16 20.17 50.37
CA SER E 104 11.01 19.27 51.15
C SER E 104 10.69 17.74 50.93
N PRO E 105 11.43 16.77 51.56
CA PRO E 105 12.49 16.88 52.59
C PRO E 105 13.81 17.54 52.17
N GLY E 106 13.84 18.10 50.96
CA GLY E 106 14.98 18.75 50.32
C GLY E 106 15.85 19.70 51.13
N PHE E 107 15.65 21.05 51.10
CA PHE E 107 14.63 21.96 50.54
C PHE E 107 13.85 22.67 51.64
N GLY E 108 13.98 24.00 51.69
CA GLY E 108 13.35 24.88 52.68
C GLY E 108 12.05 25.48 52.19
N VAL E 109 11.93 26.84 52.14
CA VAL E 109 10.74 27.54 51.66
C VAL E 109 10.92 29.09 51.54
N LYS E 110 9.97 29.74 50.82
CA LYS E 110 9.83 31.20 50.68
C LYS E 110 8.38 31.62 50.27
N GLN E 111 7.38 30.81 50.71
CA GLN E 111 5.92 30.98 50.65
C GLN E 111 5.26 31.24 49.30
N ILE E 112 3.90 31.32 49.33
CA ILE E 112 3.06 31.60 48.16
C ILE E 112 2.16 32.81 48.43
N ALA E 113 2.23 33.82 47.56
CA ALA E 113 1.42 35.03 47.64
C ALA E 113 0.44 35.09 46.47
N THR E 114 0.73 34.30 45.39
CA THR E 114 0.03 34.17 44.10
C THR E 114 0.04 35.50 43.29
N GLY E 115 0.10 35.45 41.95
CA GLY E 115 0.12 34.27 41.09
C GLY E 115 1.36 33.41 41.21
N VAL E 116 2.15 33.63 42.32
CA VAL E 116 3.36 32.92 42.77
C VAL E 116 3.11 31.42 42.76
N SER E 117 1.81 31.03 43.00
CA SER E 117 1.11 29.73 42.92
C SER E 117 1.91 28.47 43.34
N ASP E 118 3.06 28.70 43.98
CA ASP E 118 3.98 27.72 44.46
C ASP E 118 4.78 28.37 45.55
N THR E 119 5.31 27.53 46.42
CA THR E 119 6.03 27.95 47.59
C THR E 119 7.55 27.96 47.37
N ILE E 120 8.04 28.81 46.43
CA ILE E 120 9.48 29.03 46.09
C ILE E 120 10.46 28.48 47.14
N CYS E 121 11.05 27.29 46.92
CA CYS E 121 11.95 26.78 47.96
C CYS E 121 13.34 26.40 47.46
N GLU E 122 14.33 26.95 48.17
CA GLU E 122 15.75 26.74 47.95
C GLU E 122 16.20 25.44 48.64
N PRO E 123 17.30 24.80 48.23
CA PRO E 123 17.71 23.56 48.92
C PRO E 123 18.27 23.84 50.31
N CYS E 124 18.32 22.79 51.13
CA CYS E 124 18.82 22.84 52.49
C CYS E 124 20.33 23.00 52.58
N PRO E 125 20.82 24.13 53.15
CA PRO E 125 22.28 24.31 53.31
C PRO E 125 22.87 23.35 54.35
N VAL E 126 24.22 23.20 54.33
CA VAL E 126 24.96 22.34 55.25
C VAL E 126 24.62 22.65 56.71
N GLY E 127 24.35 21.59 57.47
CA GLY E 127 23.98 21.67 58.88
C GLY E 127 22.51 21.98 59.12
N PHE E 128 21.68 21.79 58.07
CA PHE E 128 20.23 22.04 58.09
C PHE E 128 19.46 20.86 57.50
N PHE E 129 18.32 20.51 58.10
CA PHE E 129 17.47 19.39 57.63
C PHE E 129 15.98 19.72 57.65
N SER E 130 15.23 19.25 56.63
CA SER E 130 13.79 19.50 56.55
C SER E 130 12.98 18.22 56.31
N ASP E 131 13.09 17.25 57.24
CA ASP E 131 12.33 15.98 57.18
C ASP E 131 10.82 16.25 57.17
N VAL E 132 10.04 15.45 56.42
CA VAL E 132 8.58 15.58 56.23
C VAL E 132 8.26 16.77 55.27
N SER E 133 7.37 16.56 54.26
CA SER E 133 6.97 17.60 53.31
C SER E 133 6.06 18.67 53.93
N SER E 134 6.45 19.97 53.77
CA SER E 134 5.72 21.12 54.33
C SER E 134 5.65 22.31 53.39
N ALA E 135 4.47 22.94 53.34
CA ALA E 135 4.17 24.12 52.52
C ALA E 135 4.54 25.42 53.23
N PHE E 136 4.96 25.33 54.51
CA PHE E 136 5.34 26.50 55.30
C PHE E 136 6.68 26.39 56.03
N GLU E 137 7.00 25.20 56.60
CA GLU E 137 8.24 25.02 57.36
C GLU E 137 9.48 25.34 56.57
N LYS E 138 10.44 26.01 57.23
CA LYS E 138 11.73 26.41 56.69
C LYS E 138 12.71 25.27 57.02
N CYS E 139 13.97 25.37 56.53
CA CYS E 139 14.97 24.35 56.82
C CYS E 139 15.52 24.57 58.24
N HIS E 140 15.24 23.60 59.14
CA HIS E 140 15.62 23.61 60.56
C HIS E 140 17.10 23.19 60.77
N PRO E 141 17.86 23.79 61.72
CA PRO E 141 19.26 23.38 61.88
C PRO E 141 19.42 22.10 62.69
N TRP E 142 20.55 21.40 62.50
CA TRP E 142 20.86 20.15 63.20
C TRP E 142 21.24 20.46 64.65
N THR E 143 20.55 19.84 65.62
CA THR E 143 20.87 20.04 67.04
C THR E 143 22.05 19.14 67.41
N SER E 144 23.09 19.73 68.02
CA SER E 144 24.31 19.02 68.40
C SER E 144 24.12 18.08 69.60
N CYS E 145 24.82 16.91 69.56
CA CYS E 145 24.80 15.89 70.63
C CYS E 145 25.50 16.40 71.89
N GLU E 146 26.53 17.27 71.71
CA GLU E 146 27.42 17.91 72.71
C GLU E 146 26.86 17.96 74.15
N THR E 147 25.58 18.36 74.32
CA THR E 147 24.91 18.39 75.63
C THR E 147 24.66 16.93 76.12
N LYS E 148 25.71 16.33 76.73
CA LYS E 148 25.82 14.98 77.31
C LYS E 148 25.42 13.85 76.32
N ASP E 149 26.11 13.77 75.15
CA ASP E 149 25.90 12.74 74.12
C ASP E 149 27.07 12.63 73.14
N LEU E 150 27.15 11.49 72.41
CA LEU E 150 28.19 11.16 71.44
C LEU E 150 28.13 12.02 70.16
N VAL E 151 27.84 11.35 69.00
CA VAL E 151 27.71 11.73 67.58
C VAL E 151 27.99 10.41 66.86
N VAL E 152 26.97 9.80 66.23
CA VAL E 152 27.14 8.51 65.55
C VAL E 152 27.08 8.68 64.02
N GLN E 153 25.88 8.92 63.45
CA GLN E 153 25.68 9.13 62.02
C GLN E 153 26.12 10.54 61.61
N GLN E 154 26.51 10.72 60.34
CA GLN E 154 26.99 12.00 59.81
C GLN E 154 25.90 13.09 59.69
N ALA E 155 24.60 12.68 59.61
CA ALA E 155 23.39 13.52 59.46
C ALA E 155 23.25 14.09 58.04
N GLY E 156 22.01 14.13 57.54
CA GLY E 156 21.72 14.63 56.19
C GLY E 156 20.64 15.69 56.14
N THR E 157 20.57 16.42 55.00
CA THR E 157 19.60 17.51 54.74
C THR E 157 18.15 16.99 54.57
N ASP E 158 17.99 15.68 54.29
CA ASP E 158 16.69 15.01 54.13
C ASP E 158 16.27 14.36 55.44
N LYS E 159 17.27 13.89 56.24
CA LYS E 159 17.06 13.23 57.53
C LYS E 159 18.25 13.39 58.45
N THR E 160 17.97 13.89 59.66
CA THR E 160 18.93 14.14 60.74
C THR E 160 18.10 14.14 62.07
N ASP E 161 18.61 14.68 63.21
CA ASP E 161 19.93 15.26 63.43
C ASP E 161 20.80 14.26 64.16
N VAL E 162 21.78 13.70 63.43
CA VAL E 162 22.75 12.70 63.90
C VAL E 162 22.03 11.38 64.28
N VAL E 163 21.71 11.20 65.59
CA VAL E 163 21.02 10.10 66.31
C VAL E 163 21.48 10.13 67.79
N CYS E 164 22.80 10.40 68.03
CA CYS E 164 23.54 10.56 69.30
C CYS E 164 23.58 9.29 70.18
N GLY E 165 22.48 8.54 70.24
CA GLY E 165 22.35 7.31 70.99
C GLY E 165 22.56 6.07 70.13
N PRO E 166 21.80 4.97 70.35
CA PRO E 166 22.01 3.76 69.53
C PRO E 166 21.46 3.87 68.11
N THR F 2 -12.38 11.59 46.22
CA THR F 2 -12.77 12.44 47.34
C THR F 2 -13.52 11.64 48.43
N GLU F 3 -12.85 11.38 49.59
CA GLU F 3 -13.39 10.63 50.73
C GLU F 3 -13.21 11.42 52.01
N VAL F 4 -12.34 12.42 51.93
CA VAL F 4 -11.94 13.39 52.95
C VAL F 4 -13.09 14.38 53.18
N GLN F 5 -13.51 14.53 54.45
CA GLN F 5 -14.58 15.44 54.83
C GLN F 5 -14.15 16.41 55.95
N LEU F 6 -14.22 17.71 55.67
CA LEU F 6 -13.86 18.77 56.60
C LEU F 6 -15.08 19.66 56.82
N LEU F 7 -15.49 19.82 58.07
CA LEU F 7 -16.69 20.58 58.37
C LEU F 7 -16.42 21.82 59.24
N GLU F 8 -16.57 22.98 58.59
CA GLU F 8 -16.45 24.30 59.19
C GLU F 8 -17.65 24.57 60.04
N SER F 9 -17.38 25.23 61.17
CA SER F 9 -18.35 25.57 62.20
C SER F 9 -17.88 26.84 62.88
N GLY F 10 -18.83 27.60 63.40
CA GLY F 10 -18.57 28.81 64.17
C GLY F 10 -18.11 30.05 63.44
N GLY F 11 -18.81 30.43 62.38
CA GLY F 11 -18.56 31.68 61.66
C GLY F 11 -19.59 32.69 62.12
N GLY F 12 -19.75 33.79 61.38
CA GLY F 12 -20.79 34.75 61.72
C GLY F 12 -20.49 36.22 61.64
N LEU F 13 -21.50 37.03 62.01
CA LEU F 13 -21.49 38.48 62.06
C LEU F 13 -21.01 38.90 63.43
N VAL F 14 -20.08 39.86 63.44
CA VAL F 14 -19.47 40.38 64.66
C VAL F 14 -19.05 41.85 64.50
N GLN F 15 -19.16 42.64 65.58
CA GLN F 15 -18.76 44.05 65.61
C GLN F 15 -17.23 44.15 65.57
N PRO F 16 -16.63 45.23 65.03
CA PRO F 16 -15.15 45.32 65.03
C PRO F 16 -14.58 45.29 66.44
N GLY F 17 -13.53 44.51 66.62
CA GLY F 17 -12.88 44.28 67.91
C GLY F 17 -13.34 42.96 68.50
N GLY F 18 -14.35 42.38 67.87
CA GLY F 18 -14.95 41.10 68.26
C GLY F 18 -14.06 39.89 68.13
N SER F 19 -14.62 38.73 68.54
CA SER F 19 -13.93 37.46 68.52
C SER F 19 -14.80 36.34 68.02
N LEU F 20 -14.15 35.35 67.40
CA LEU F 20 -14.76 34.17 66.81
C LEU F 20 -13.78 33.02 66.77
N ARG F 21 -14.28 31.80 67.04
CA ARG F 21 -13.47 30.60 66.99
C ARG F 21 -14.05 29.72 65.93
N LEU F 22 -13.27 29.52 64.85
CA LEU F 22 -13.62 28.64 63.75
C LEU F 22 -13.21 27.23 64.12
N SER F 23 -14.05 26.27 63.78
CA SER F 23 -13.81 24.87 64.09
C SER F 23 -13.96 24.09 62.81
N CYS F 24 -12.91 23.38 62.40
CA CYS F 24 -12.90 22.56 61.19
C CYS F 24 -12.81 21.08 61.55
N ALA F 25 -13.98 20.43 61.75
CA ALA F 25 -14.10 19.03 62.14
C ALA F 25 -13.76 18.07 60.99
N ALA F 26 -12.56 17.48 61.04
CA ALA F 26 -12.07 16.57 60.02
C ALA F 26 -12.49 15.13 60.25
N SER F 27 -12.64 14.39 59.13
CA SER F 27 -12.99 12.98 59.07
C SER F 27 -12.51 12.39 57.74
N GLY F 28 -12.29 11.08 57.72
CA GLY F 28 -11.90 10.36 56.51
C GLY F 28 -10.43 10.22 56.20
N PHE F 29 -9.55 10.55 57.18
CA PHE F 29 -8.09 10.48 57.04
C PHE F 29 -7.35 10.61 58.37
N THR F 30 -6.08 10.18 58.40
CA THR F 30 -5.19 10.27 59.57
C THR F 30 -4.76 11.72 59.79
N PHE F 31 -5.71 12.54 60.29
CA PHE F 31 -5.57 13.98 60.57
C PHE F 31 -4.26 14.28 61.26
N ARG F 32 -3.92 13.46 62.26
CA ARG F 32 -2.72 13.50 63.09
C ARG F 32 -1.40 13.53 62.27
N ASP F 33 -1.44 13.05 61.00
CA ASP F 33 -0.27 12.95 60.11
C ASP F 33 -0.12 14.07 59.07
N TYR F 34 -1.15 14.90 58.90
CA TYR F 34 -1.15 15.92 57.86
C TYR F 34 -1.09 17.39 58.31
N GLU F 35 -0.43 18.22 57.48
CA GLU F 35 -0.31 19.67 57.63
C GLU F 35 -1.64 20.31 57.27
N MET F 36 -2.02 21.32 58.07
CA MET F 36 -3.28 22.05 57.91
C MET F 36 -3.12 23.53 57.63
N TRP F 37 -4.12 24.10 56.96
CA TRP F 37 -4.15 25.53 56.63
C TRP F 37 -5.52 26.14 56.78
N TRP F 38 -5.53 27.46 57.02
CA TRP F 38 -6.72 28.30 57.06
C TRP F 38 -6.51 29.36 55.98
N VAL F 39 -7.46 29.47 55.06
CA VAL F 39 -7.42 30.42 53.95
C VAL F 39 -8.73 31.21 53.87
N ARG F 40 -8.65 32.48 53.49
CA ARG F 40 -9.85 33.28 53.35
C ARG F 40 -10.04 33.77 51.91
N GLN F 41 -11.29 33.79 51.43
CA GLN F 41 -11.62 34.26 50.10
C GLN F 41 -12.74 35.29 50.21
N ALA F 42 -12.46 36.48 49.70
CA ALA F 42 -13.39 37.59 49.69
C ALA F 42 -13.54 38.05 48.25
N PRO F 43 -14.70 38.57 47.84
CA PRO F 43 -14.85 38.96 46.44
C PRO F 43 -13.99 40.20 46.13
N GLY F 44 -13.13 40.04 45.14
CA GLY F 44 -12.22 41.11 44.73
C GLY F 44 -10.88 40.97 45.37
N LYS F 45 -10.87 40.74 46.69
CA LYS F 45 -9.66 40.54 47.46
C LYS F 45 -9.15 39.10 47.19
N GLY F 46 -9.87 38.39 46.32
CA GLY F 46 -9.63 37.02 45.86
C GLY F 46 -8.52 36.21 46.50
N LEU F 47 -8.90 35.25 47.37
CA LEU F 47 -8.04 34.27 48.08
C LEU F 47 -6.78 34.82 48.75
N GLU F 48 -6.58 34.42 50.01
CA GLU F 48 -5.48 34.82 50.86
C GLU F 48 -5.20 33.69 51.85
N ARG F 49 -3.92 33.27 51.93
CA ARG F 49 -3.51 32.23 52.89
C ARG F 49 -3.36 32.89 54.26
N VAL F 50 -4.14 32.46 55.26
CA VAL F 50 -4.17 33.05 56.59
C VAL F 50 -3.16 32.44 57.56
N SER F 51 -3.34 31.16 57.88
CA SER F 51 -2.49 30.49 58.84
C SER F 51 -2.22 29.03 58.46
N ALA F 52 -1.16 28.47 59.05
CA ALA F 52 -0.72 27.09 58.85
C ALA F 52 -0.21 26.48 60.16
N ILE F 53 -0.20 25.12 60.25
CA ILE F 53 0.20 24.34 61.43
C ILE F 53 0.72 22.94 61.04
N ASN F 54 1.84 22.51 61.64
CA ASN F 54 2.41 21.19 61.40
C ASN F 54 1.54 20.10 62.06
N PRO F 55 1.66 18.82 61.65
CA PRO F 55 0.85 17.74 62.26
C PRO F 55 0.87 17.65 63.79
N GLN F 56 2.05 17.83 64.42
CA GLN F 56 2.20 17.77 65.87
C GLN F 56 1.52 18.96 66.57
N GLY F 57 1.56 20.14 65.93
CA GLY F 57 1.04 21.39 66.47
C GLY F 57 2.13 22.35 66.94
N THR F 58 3.41 21.88 66.99
CA THR F 58 4.62 22.61 67.39
C THR F 58 4.91 23.88 66.53
N ARG F 59 5.31 23.70 65.24
CA ARG F 59 5.56 24.82 64.33
C ARG F 59 4.24 25.38 63.75
N THR F 60 4.18 26.71 63.49
CA THR F 60 3.00 27.42 62.98
C THR F 60 3.37 28.58 62.03
N TYR F 61 2.44 28.94 61.13
CA TYR F 61 2.62 30.07 60.20
C TYR F 61 1.41 30.97 60.26
N TYR F 62 1.64 32.27 60.15
CA TYR F 62 0.60 33.28 60.17
C TYR F 62 0.94 34.34 59.15
N ALA F 63 -0.07 34.85 58.44
CA ALA F 63 0.12 35.95 57.50
C ALA F 63 0.40 37.20 58.37
N ASP F 64 1.23 38.14 57.89
CA ASP F 64 1.54 39.33 58.67
C ASP F 64 0.25 40.04 59.10
N SER F 65 -0.70 40.18 58.17
CA SER F 65 -2.00 40.81 58.38
C SER F 65 -2.75 40.35 59.63
N VAL F 66 -2.74 39.05 59.94
CA VAL F 66 -3.51 38.50 61.08
C VAL F 66 -2.71 38.30 62.39
N MET F 67 -1.38 38.31 62.28
CA MET F 67 -0.43 38.07 63.36
C MET F 67 -0.72 38.73 64.69
N GLY F 68 -0.76 37.90 65.72
CA GLY F 68 -0.97 38.37 67.09
C GLY F 68 -2.43 38.56 67.47
N ARG F 69 -3.32 38.58 66.47
CA ARG F 69 -4.76 38.70 66.63
C ARG F 69 -5.34 37.32 66.44
N PHE F 70 -4.86 36.61 65.39
CA PHE F 70 -5.35 35.28 65.10
C PHE F 70 -4.45 34.20 65.66
N THR F 71 -5.04 33.01 65.93
CA THR F 71 -4.34 31.89 66.55
C THR F 71 -4.82 30.54 66.02
N ILE F 72 -3.91 29.83 65.31
CA ILE F 72 -4.19 28.48 64.79
C ILE F 72 -3.94 27.47 65.90
N SER F 73 -4.72 26.39 65.93
CA SER F 73 -4.67 25.34 66.96
C SER F 73 -5.32 24.06 66.46
N ARG F 74 -5.08 22.95 67.18
CA ARG F 74 -5.68 21.63 66.89
C ARG F 74 -5.69 20.71 68.11
N ASP F 75 -6.62 19.76 68.07
CA ASP F 75 -6.77 18.66 69.01
C ASP F 75 -6.84 17.44 68.11
N ASN F 76 -5.74 16.72 68.00
CA ASN F 76 -5.64 15.54 67.14
C ASN F 76 -6.50 14.38 67.66
N SER F 77 -6.72 14.30 68.99
CA SER F 77 -7.56 13.26 69.61
C SER F 77 -9.04 13.54 69.34
N LYS F 78 -9.39 14.82 69.10
CA LYS F 78 -10.74 15.26 68.74
C LYS F 78 -10.86 15.44 67.22
N ASN F 79 -9.71 15.38 66.50
CA ASN F 79 -9.55 15.52 65.05
C ASN F 79 -10.15 16.82 64.50
N THR F 80 -10.03 17.91 65.28
CA THR F 80 -10.56 19.21 64.89
C THR F 80 -9.46 20.27 64.78
N LEU F 81 -9.59 21.15 63.77
CA LEU F 81 -8.71 22.29 63.51
C LEU F 81 -9.42 23.54 64.00
N TYR F 82 -8.66 24.53 64.48
CA TYR F 82 -9.26 25.74 65.05
C TYR F 82 -8.62 27.04 64.66
N LEU F 83 -9.42 28.11 64.71
CA LEU F 83 -8.90 29.44 64.48
C LEU F 83 -9.49 30.43 65.46
N GLN F 84 -8.67 30.82 66.46
CA GLN F 84 -9.10 31.82 67.41
C GLN F 84 -8.78 33.18 66.85
N MET F 85 -9.82 33.81 66.27
CA MET F 85 -9.74 35.11 65.62
C MET F 85 -10.29 36.18 66.55
N ASN F 86 -9.39 36.91 67.20
CA ASN F 86 -9.74 37.99 68.13
C ASN F 86 -9.32 39.32 67.53
N SER F 87 -9.75 40.45 68.14
CA SER F 87 -9.47 41.83 67.72
C SER F 87 -9.79 41.98 66.24
N LEU F 88 -10.97 41.47 65.85
CA LEU F 88 -11.42 41.42 64.47
C LEU F 88 -11.64 42.80 63.82
N ARG F 89 -11.25 42.91 62.54
CA ARG F 89 -11.31 44.10 61.69
C ARG F 89 -12.08 43.78 60.37
N ALA F 90 -12.64 44.84 59.75
CA ALA F 90 -13.41 44.76 58.51
C ALA F 90 -12.76 43.98 57.39
N GLU F 91 -11.42 44.02 57.31
CA GLU F 91 -10.59 43.38 56.30
C GLU F 91 -10.70 41.88 56.38
N ASP F 92 -10.94 41.37 57.60
CA ASP F 92 -11.10 39.93 57.82
C ASP F 92 -12.45 39.40 57.29
N THR F 93 -13.41 40.30 56.95
CA THR F 93 -14.70 39.91 56.40
C THR F 93 -14.33 39.18 55.15
N ALA F 94 -14.66 37.88 55.15
CA ALA F 94 -14.39 36.91 54.07
C ALA F 94 -15.03 35.56 54.41
N VAL F 95 -14.83 34.57 53.50
CA VAL F 95 -15.25 33.18 53.63
C VAL F 95 -13.99 32.43 53.99
N TYR F 96 -14.07 31.68 55.08
CA TYR F 96 -12.93 30.97 55.62
C TYR F 96 -12.97 29.50 55.37
N TYR F 97 -11.86 28.97 54.88
CA TYR F 97 -11.71 27.57 54.53
C TYR F 97 -10.51 26.93 55.19
N CYS F 98 -10.63 25.63 55.45
CA CYS F 98 -9.57 24.82 56.02
C CYS F 98 -9.16 23.77 54.97
N ALA F 99 -7.86 23.51 54.86
CA ALA F 99 -7.36 22.56 53.88
C ALA F 99 -6.23 21.68 54.39
N LYS F 100 -6.25 20.40 53.92
CA LYS F 100 -5.31 19.31 54.20
C LYS F 100 -4.29 19.23 53.06
N LEU F 101 -3.04 18.82 53.37
CA LEU F 101 -1.97 18.59 52.39
C LEU F 101 -2.34 17.28 51.69
N PRO F 102 -2.17 17.08 50.36
CA PRO F 102 -1.50 17.87 49.31
C PRO F 102 -1.97 19.29 49.03
N PHE F 103 -3.32 19.59 49.19
CA PHE F 103 -4.09 20.86 49.01
C PHE F 103 -4.86 20.90 47.68
N THR F 104 -5.36 19.72 47.27
CA THR F 104 -6.18 19.45 46.07
C THR F 104 -7.64 19.76 46.38
N PHE F 105 -8.55 19.58 45.41
CA PHE F 105 -9.97 19.88 45.54
C PHE F 105 -10.70 19.12 46.65
N ASP F 106 -10.29 17.86 46.85
CA ASP F 106 -10.88 16.95 47.84
C ASP F 106 -10.60 17.46 49.25
N ASP F 107 -9.38 17.96 49.43
CA ASP F 107 -8.79 18.43 50.66
C ASP F 107 -9.34 19.75 51.21
N TRP F 108 -10.59 20.13 50.89
CA TRP F 108 -11.12 21.42 51.35
C TRP F 108 -12.41 21.35 52.11
N GLY F 109 -12.52 22.20 53.13
CA GLY F 109 -13.73 22.35 53.93
C GLY F 109 -14.83 23.09 53.17
N GLN F 110 -16.08 23.04 53.68
CA GLN F 110 -17.21 23.71 53.00
C GLN F 110 -17.16 25.24 53.14
N GLY F 111 -16.35 25.74 54.06
CA GLY F 111 -16.24 27.16 54.30
C GLY F 111 -17.20 27.68 55.34
N THR F 112 -16.92 28.88 55.83
CA THR F 112 -17.74 29.57 56.80
C THR F 112 -17.62 31.10 56.58
N LEU F 113 -18.75 31.79 56.57
CA LEU F 113 -18.75 33.22 56.34
C LEU F 113 -18.48 34.04 57.62
N VAL F 114 -17.57 35.01 57.52
CA VAL F 114 -17.16 35.91 58.59
C VAL F 114 -17.48 37.30 58.14
N THR F 115 -18.24 38.04 58.95
CA THR F 115 -18.66 39.39 58.64
C THR F 115 -18.44 40.33 59.81
N VAL F 116 -17.63 41.37 59.56
CA VAL F 116 -17.29 42.33 60.60
C VAL F 116 -18.03 43.66 60.37
N SER F 117 -17.68 44.38 59.28
CA SER F 117 -18.13 45.73 58.88
C SER F 117 -19.55 46.15 59.33
N SER F 118 -19.62 46.80 60.51
CA SER F 118 -20.84 47.32 61.12
C SER F 118 -20.55 48.64 61.81
N PRO G 1 4.16 -0.28 21.45
CA PRO G 1 5.44 -0.02 20.77
C PRO G 1 5.44 -0.41 19.28
N THR G 2 5.61 -1.70 18.94
CA THR G 2 5.62 -2.17 17.53
C THR G 2 4.18 -2.44 17.11
N ALA G 3 3.86 -2.42 15.81
CA ALA G 3 2.49 -2.70 15.35
C ALA G 3 2.15 -4.19 15.29
N CYS G 4 3.13 -5.02 14.87
CA CYS G 4 2.95 -6.46 14.72
C CYS G 4 4.04 -7.21 15.43
N ARG G 5 3.67 -8.30 16.13
CA ARG G 5 4.61 -9.19 16.82
C ARG G 5 5.56 -9.84 15.78
N GLU G 6 6.87 -9.77 16.00
CA GLU G 6 7.92 -10.23 15.08
C GLU G 6 7.65 -11.59 14.38
N LYS G 7 8.31 -11.69 13.18
CA LYS G 7 8.38 -12.73 12.15
C LYS G 7 7.01 -12.94 11.58
N GLN G 8 6.00 -12.63 12.37
CA GLN G 8 4.65 -12.55 11.87
C GLN G 8 4.79 -11.19 11.16
N TYR G 9 5.21 -10.16 11.92
CA TYR G 9 5.48 -8.77 11.56
C TYR G 9 5.42 -8.46 10.07
N LEU G 10 4.48 -7.58 9.66
CA LEU G 10 4.28 -7.13 8.26
C LEU G 10 2.96 -6.32 8.44
N ILE G 11 2.98 -5.00 8.10
CA ILE G 11 1.79 -4.18 8.24
C ILE G 11 1.43 -3.49 6.90
N ASN G 12 0.04 -3.36 6.69
CA ASN G 12 -0.76 -2.71 5.60
C ASN G 12 -2.30 -2.81 5.83
N SER G 13 -2.78 -2.01 6.82
CA SER G 13 -4.12 -1.91 7.49
C SER G 13 -4.22 -2.98 8.59
N GLN G 14 -3.84 -4.23 8.23
CA GLN G 14 -3.78 -5.48 9.00
C GLN G 14 -2.31 -5.94 9.27
N CYS G 15 -2.11 -6.92 10.21
CA CYS G 15 -0.81 -7.52 10.56
C CYS G 15 -0.64 -8.93 9.94
N CYS G 16 0.29 -9.07 8.94
CA CYS G 16 0.47 -10.32 8.19
C CYS G 16 1.64 -11.15 8.62
N SER G 17 1.53 -12.48 8.46
CA SER G 17 2.60 -13.42 8.80
C SER G 17 3.60 -13.50 7.63
N LEU G 18 4.91 -13.47 7.91
CA LEU G 18 5.92 -13.56 6.86
C LEU G 18 6.00 -14.98 6.32
N CYS G 19 6.57 -15.12 5.09
CA CYS G 19 6.78 -16.42 4.46
C CYS G 19 8.00 -17.02 5.10
N GLN G 20 7.93 -18.30 5.45
CA GLN G 20 9.05 -19.01 6.06
C GLN G 20 10.19 -19.25 5.05
N PRO G 21 11.47 -19.34 5.49
CA PRO G 21 12.55 -19.63 4.53
C PRO G 21 12.25 -20.84 3.64
N GLY G 22 12.48 -20.65 2.34
CA GLY G 22 12.19 -21.64 1.32
C GLY G 22 10.84 -21.46 0.67
N GLN G 23 10.14 -20.36 1.00
CA GLN G 23 8.83 -20.04 0.45
C GLN G 23 8.72 -18.56 0.08
N LYS G 24 8.21 -18.27 -1.14
CA LYS G 24 8.02 -16.93 -1.72
C LYS G 24 6.61 -16.41 -1.49
N LEU G 25 6.44 -15.09 -1.47
CA LEU G 25 5.12 -14.47 -1.30
C LEU G 25 4.32 -14.49 -2.61
N VAL G 26 3.01 -14.72 -2.49
CA VAL G 26 2.10 -14.72 -3.64
C VAL G 26 0.95 -13.77 -3.36
N SER G 27 0.44 -13.71 -2.11
CA SER G 27 -0.66 -12.83 -1.71
C SER G 27 -0.49 -12.32 -0.29
N ASP G 28 -0.60 -10.99 -0.10
CA ASP G 28 -0.52 -10.38 1.22
C ASP G 28 -1.81 -10.76 1.90
N CYS G 29 -1.73 -11.06 3.22
CA CYS G 29 -2.90 -11.40 3.99
C CYS G 29 -3.92 -10.23 3.98
N THR G 30 -5.21 -10.58 4.05
CA THR G 30 -6.26 -9.57 4.12
C THR G 30 -6.77 -9.58 5.54
N GLU G 31 -7.96 -9.06 5.75
CA GLU G 31 -8.55 -9.08 7.07
C GLU G 31 -9.14 -10.46 7.32
N PHE G 32 -9.36 -11.21 6.24
CA PHE G 32 -10.02 -12.50 6.29
C PHE G 32 -9.21 -13.67 5.79
N THR G 33 -8.14 -13.40 5.07
CA THR G 33 -7.28 -14.43 4.51
C THR G 33 -5.84 -14.28 5.02
N GLU G 34 -5.06 -15.39 5.08
CA GLU G 34 -3.67 -15.29 5.48
C GLU G 34 -2.72 -15.16 4.28
N THR G 35 -1.51 -14.66 4.58
CA THR G 35 -0.44 -14.44 3.63
C THR G 35 -0.16 -15.75 2.89
N GLU G 36 -0.34 -15.73 1.55
CA GLU G 36 -0.16 -16.91 0.70
C GLU G 36 1.24 -17.02 0.17
N CYS G 37 1.90 -18.12 0.53
CA CYS G 37 3.29 -18.40 0.20
C CYS G 37 3.39 -19.70 -0.55
N LEU G 38 4.42 -19.83 -1.39
CA LEU G 38 4.66 -21.04 -2.18
C LEU G 38 6.14 -21.36 -2.25
N PRO G 39 6.53 -22.65 -2.30
CA PRO G 39 7.96 -22.99 -2.31
C PRO G 39 8.79 -22.46 -3.48
N CYS G 40 10.10 -22.32 -3.25
CA CYS G 40 11.07 -21.84 -4.23
C CYS G 40 11.21 -22.80 -5.42
N GLY G 41 11.89 -22.33 -6.47
CA GLY G 41 12.09 -23.09 -7.70
C GLY G 41 13.27 -24.04 -7.68
N GLU G 42 13.54 -24.63 -8.86
CA GLU G 42 14.63 -25.57 -9.12
C GLU G 42 15.95 -24.86 -8.79
N SER G 43 16.75 -25.45 -7.87
CA SER G 43 18.01 -24.86 -7.40
C SER G 43 17.85 -23.31 -7.13
N GLU G 44 16.71 -22.93 -6.54
CA GLU G 44 16.40 -21.55 -6.15
C GLU G 44 16.13 -21.52 -4.66
N PHE G 45 16.54 -20.43 -3.97
CA PHE G 45 16.39 -20.32 -2.51
C PHE G 45 15.84 -18.99 -1.99
N LEU G 46 15.41 -19.03 -0.73
CA LEU G 46 14.97 -17.90 0.05
C LEU G 46 15.47 -18.00 1.48
N ASP G 47 16.52 -17.20 1.69
CA ASP G 47 17.37 -16.89 2.85
C ASP G 47 16.64 -16.81 4.22
N THR G 48 15.56 -16.01 4.29
CA THR G 48 14.86 -15.62 5.51
C THR G 48 13.33 -15.71 5.50
N TRP G 49 12.72 -15.25 6.63
CA TRP G 49 11.29 -15.05 6.79
C TRP G 49 11.06 -13.77 6.01
N ASN G 50 10.33 -13.88 4.88
CA ASN G 50 10.24 -12.79 3.92
C ASN G 50 8.86 -12.40 3.42
N ARG G 51 8.84 -11.33 2.62
CA ARG G 51 7.73 -10.80 1.86
C ARG G 51 8.26 -10.53 0.42
N GLU G 52 9.32 -11.27 0.05
CA GLU G 52 9.94 -11.25 -1.28
C GLU G 52 9.04 -12.12 -2.18
N THR G 53 8.88 -11.71 -3.47
CA THR G 53 7.99 -12.44 -4.40
C THR G 53 8.76 -13.27 -5.42
N HIS G 54 10.10 -13.14 -5.44
CA HIS G 54 11.01 -13.83 -6.36
C HIS G 54 12.17 -14.45 -5.60
N CYS G 55 12.29 -15.78 -5.68
CA CYS G 55 13.38 -16.56 -5.07
C CYS G 55 14.74 -16.24 -5.73
N HIS G 56 15.82 -16.28 -4.95
CA HIS G 56 17.15 -15.98 -5.47
C HIS G 56 17.81 -17.24 -6.05
N GLN G 57 18.66 -17.07 -7.08
CA GLN G 57 19.40 -18.19 -7.67
C GLN G 57 20.66 -18.46 -6.84
N HIS G 58 21.00 -19.75 -6.63
CA HIS G 58 22.15 -20.16 -5.80
C HIS G 58 23.50 -19.60 -6.27
N LYS G 59 24.51 -19.63 -5.37
CA LYS G 59 25.89 -19.21 -5.68
C LYS G 59 26.43 -20.12 -6.79
N TYR G 60 27.50 -19.69 -7.46
CA TYR G 60 28.07 -20.51 -8.54
C TYR G 60 29.42 -21.17 -8.15
N CYS G 61 30.27 -20.52 -7.32
CA CYS G 61 31.64 -20.99 -7.02
C CYS G 61 32.39 -21.10 -8.39
N ASP G 62 33.02 -19.98 -8.81
CA ASP G 62 33.75 -19.93 -10.08
C ASP G 62 35.09 -20.61 -9.98
N PRO G 63 35.38 -21.51 -10.94
CA PRO G 63 36.66 -22.23 -10.96
C PRO G 63 37.86 -21.33 -11.28
N ASN G 64 37.62 -20.28 -12.10
CA ASN G 64 38.63 -19.29 -12.50
C ASN G 64 38.96 -18.33 -11.34
N LEU G 65 38.52 -18.70 -10.14
CA LEU G 65 38.71 -17.99 -8.89
C LEU G 65 39.27 -19.02 -7.88
N GLY G 66 39.35 -20.27 -8.35
CA GLY G 66 39.80 -21.43 -7.59
C GLY G 66 38.77 -22.01 -6.67
N LEU G 67 37.48 -21.68 -6.91
CA LEU G 67 36.36 -22.11 -6.06
C LEU G 67 35.66 -23.34 -6.58
N ARG G 68 35.35 -24.25 -5.65
CA ARG G 68 34.64 -25.52 -5.85
C ARG G 68 33.37 -25.55 -4.97
N VAL G 69 32.39 -26.39 -5.28
CA VAL G 69 31.19 -26.45 -4.43
C VAL G 69 31.44 -27.46 -3.31
N GLN G 70 31.27 -27.02 -2.04
CA GLN G 70 31.35 -27.92 -0.90
C GLN G 70 29.91 -28.42 -0.65
N GLN G 71 29.10 -27.58 0.01
CA GLN G 71 27.70 -27.90 0.29
C GLN G 71 26.79 -27.35 -0.78
N LYS G 72 25.94 -28.21 -1.34
CA LYS G 72 24.95 -27.83 -2.32
C LYS G 72 23.85 -27.08 -1.57
N GLY G 73 23.35 -26.03 -2.19
CA GLY G 73 22.29 -25.22 -1.60
C GLY G 73 20.92 -25.86 -1.70
N THR G 74 20.05 -25.59 -0.69
CA THR G 74 18.67 -26.07 -0.60
C THR G 74 17.69 -24.94 -0.89
N SER G 75 16.40 -25.21 -0.72
CA SER G 75 15.32 -24.23 -0.92
C SER G 75 15.31 -23.07 0.10
N GLU G 76 16.00 -23.23 1.24
CA GLU G 76 16.08 -22.25 2.33
C GLU G 76 17.52 -21.85 2.62
N THR G 77 18.51 -22.49 1.96
CA THR G 77 19.95 -22.29 2.17
C THR G 77 20.72 -22.11 0.87
N ASP G 78 21.54 -21.05 0.78
CA ASP G 78 22.41 -20.79 -0.38
C ASP G 78 23.56 -21.84 -0.39
N THR G 79 24.18 -22.06 -1.54
CA THR G 79 25.28 -23.03 -1.53
C THR G 79 26.54 -22.39 -0.89
N ILE G 80 27.39 -23.26 -0.31
CA ILE G 80 28.65 -22.91 0.35
C ILE G 80 29.79 -23.38 -0.56
N CYS G 81 30.80 -22.52 -0.74
CA CYS G 81 31.96 -22.79 -1.58
C CYS G 81 33.16 -23.30 -0.74
N THR G 82 34.21 -23.79 -1.41
CA THR G 82 35.47 -24.23 -0.81
C THR G 82 36.61 -24.01 -1.80
N CYS G 83 37.83 -23.77 -1.29
CA CYS G 83 38.96 -23.56 -2.17
C CYS G 83 39.53 -24.86 -2.67
N GLU G 84 39.94 -24.90 -3.95
CA GLU G 84 40.47 -26.11 -4.56
C GLU G 84 41.80 -26.50 -3.93
N GLU G 85 41.85 -27.76 -3.45
CA GLU G 85 42.91 -28.46 -2.70
C GLU G 85 44.28 -27.80 -2.74
N GLY G 86 44.74 -27.49 -1.53
CA GLY G 86 46.01 -26.83 -1.24
C GLY G 86 45.83 -25.44 -0.67
N TRP G 87 44.89 -24.69 -1.28
CA TRP G 87 44.57 -23.30 -0.94
C TRP G 87 43.39 -23.28 0.02
N HIS G 88 43.31 -22.23 0.90
CA HIS G 88 42.18 -22.01 1.82
C HIS G 88 41.39 -20.75 1.44
N CYS G 89 40.11 -20.69 1.86
CA CYS G 89 39.30 -19.51 1.61
C CYS G 89 39.95 -18.35 2.37
N THR G 90 40.38 -17.29 1.63
CA THR G 90 40.97 -16.04 2.15
C THR G 90 40.13 -15.58 3.33
N SER G 91 38.83 -15.36 3.04
CA SER G 91 37.75 -14.93 3.90
C SER G 91 37.26 -16.10 4.76
N GLU G 92 36.64 -15.79 5.91
CA GLU G 92 36.01 -16.76 6.81
C GLU G 92 34.71 -17.11 6.06
N ALA G 93 34.86 -18.01 5.06
CA ALA G 93 33.88 -18.46 4.08
C ALA G 93 33.42 -17.28 3.19
N CYS G 94 33.80 -17.20 1.91
CA CYS G 94 34.69 -18.02 1.06
C CYS G 94 34.57 -17.37 -0.31
N GLU G 95 35.08 -16.13 -0.41
CA GLU G 95 34.96 -15.30 -1.60
C GLU G 95 36.15 -15.37 -2.53
N SER G 96 37.38 -15.34 -1.98
CA SER G 96 38.61 -15.41 -2.76
C SER G 96 39.46 -16.58 -2.31
N CYS G 97 40.35 -17.06 -3.17
CA CYS G 97 41.23 -18.16 -2.80
C CYS G 97 42.71 -17.74 -2.64
N VAL G 98 43.34 -18.22 -1.57
CA VAL G 98 44.73 -17.95 -1.20
C VAL G 98 45.42 -19.20 -0.61
N LEU G 99 46.68 -19.44 -0.99
CA LEU G 99 47.45 -20.54 -0.43
C LEU G 99 47.95 -20.14 0.97
N HIS G 100 47.46 -20.85 2.00
CA HIS G 100 47.68 -20.73 3.45
C HIS G 100 47.62 -19.28 4.02
N ARG G 101 47.10 -19.19 5.26
CA ARG G 101 46.95 -17.95 6.00
C ARG G 101 48.30 -17.38 6.50
N SER G 102 48.71 -16.19 6.00
CA SER G 102 49.96 -15.54 6.40
C SER G 102 49.85 -15.05 7.87
N CYS G 103 50.69 -15.60 8.78
CA CYS G 103 50.68 -15.29 10.22
C CYS G 103 51.20 -13.90 10.55
N SER G 104 50.24 -12.98 10.72
CA SER G 104 50.41 -11.56 11.07
C SER G 104 51.21 -11.39 12.40
N PRO G 105 51.78 -10.20 12.73
CA PRO G 105 52.54 -10.07 13.99
C PRO G 105 51.77 -10.60 15.21
N GLY G 106 52.50 -11.17 16.15
CA GLY G 106 51.92 -11.73 17.36
C GLY G 106 52.72 -12.83 18.03
N PHE G 107 52.64 -14.13 17.62
CA PHE G 107 52.00 -14.89 16.50
C PHE G 107 53.05 -15.40 15.50
N GLY G 108 53.34 -16.71 15.60
CA GLY G 108 54.28 -17.43 14.74
C GLY G 108 53.70 -18.73 14.21
N VAL G 109 54.51 -19.53 13.49
CA VAL G 109 54.00 -20.78 12.96
C VAL G 109 54.18 -21.97 13.91
N LYS G 110 53.08 -22.66 14.28
CA LYS G 110 53.09 -23.86 15.12
C LYS G 110 53.04 -25.16 14.24
N GLN G 111 52.55 -25.02 13.00
CA GLN G 111 52.48 -26.05 11.97
C GLN G 111 52.30 -25.33 10.66
N ILE G 112 52.99 -25.80 9.58
CA ILE G 112 53.06 -25.19 8.26
C ILE G 112 51.75 -25.42 7.49
N ALA G 113 51.77 -26.01 6.29
CA ALA G 113 50.56 -26.22 5.51
C ALA G 113 50.65 -27.48 4.69
N THR G 114 49.48 -28.06 4.36
CA THR G 114 49.30 -29.26 3.54
C THR G 114 47.84 -29.22 3.07
N GLY G 115 47.05 -30.24 3.42
CA GLY G 115 45.60 -30.28 3.22
C GLY G 115 45.01 -29.39 4.30
N VAL G 116 45.82 -29.19 5.40
CA VAL G 116 45.67 -28.31 6.57
C VAL G 116 46.01 -26.92 6.02
N SER G 117 45.06 -26.36 5.26
CA SER G 117 45.16 -25.08 4.55
C SER G 117 45.26 -23.84 5.50
N ASP G 118 45.58 -24.13 6.73
CA ASP G 118 45.83 -23.13 7.72
C ASP G 118 47.28 -23.30 8.13
N THR G 119 47.90 -22.17 8.46
CA THR G 119 49.27 -22.13 8.93
C THR G 119 49.29 -22.14 10.46
N ILE G 120 48.35 -22.92 11.05
CA ILE G 120 48.06 -23.19 12.48
C ILE G 120 49.05 -22.39 13.38
N CYS G 121 48.63 -21.15 13.72
CA CYS G 121 49.36 -20.14 14.48
C CYS G 121 49.27 -20.31 16.04
N GLU G 122 49.97 -19.44 16.81
CA GLU G 122 49.96 -19.41 18.28
C GLU G 122 50.27 -17.99 18.80
N PRO G 123 49.63 -17.54 19.92
CA PRO G 123 49.90 -16.17 20.41
C PRO G 123 51.39 -15.92 20.65
N CYS G 124 52.05 -16.89 21.30
CA CYS G 124 53.47 -17.01 21.60
C CYS G 124 53.97 -16.18 22.81
N PRO G 125 54.23 -16.87 23.95
CA PRO G 125 54.90 -16.21 25.10
C PRO G 125 56.44 -16.39 24.89
N VAL G 126 57.37 -15.76 25.66
CA VAL G 126 57.28 -14.81 26.77
C VAL G 126 58.29 -13.68 26.55
N GLY G 127 59.40 -14.00 25.86
CA GLY G 127 60.49 -13.09 25.49
C GLY G 127 60.08 -11.72 24.95
N PHE G 128 59.23 -11.64 23.88
CA PHE G 128 58.67 -12.73 23.05
C PHE G 128 58.96 -12.50 21.56
N PHE G 129 58.48 -11.34 21.01
CA PHE G 129 58.65 -10.77 19.66
C PHE G 129 58.11 -11.59 18.47
N SER G 130 57.55 -10.86 17.46
CA SER G 130 57.00 -11.34 16.19
C SER G 130 56.68 -10.17 15.23
N ASP G 131 57.66 -9.78 14.38
CA ASP G 131 57.50 -8.70 13.40
C ASP G 131 57.02 -9.22 12.04
N VAL G 132 56.14 -8.44 11.39
CA VAL G 132 55.56 -8.68 10.05
C VAL G 132 54.71 -9.98 9.97
N SER G 133 54.08 -10.19 8.79
CA SER G 133 53.27 -11.35 8.46
C SER G 133 54.20 -12.40 7.84
N SER G 134 54.11 -13.65 8.31
CA SER G 134 54.96 -14.73 7.81
C SER G 134 54.28 -16.09 7.89
N ALA G 135 54.37 -16.84 6.80
CA ALA G 135 53.80 -18.18 6.71
C ALA G 135 54.86 -19.25 7.04
N PHE G 136 56.03 -18.82 7.55
CA PHE G 136 57.06 -19.74 7.99
C PHE G 136 57.68 -19.35 9.33
N GLU G 137 57.98 -18.05 9.54
CA GLU G 137 58.66 -17.60 10.77
C GLU G 137 57.89 -17.89 12.07
N LYS G 138 58.64 -18.34 13.10
CA LYS G 138 58.13 -18.65 14.44
C LYS G 138 58.42 -17.42 15.31
N CYS G 139 58.14 -17.48 16.62
CA CYS G 139 58.42 -16.34 17.48
C CYS G 139 59.90 -16.34 17.92
N HIS G 140 60.63 -15.26 17.57
CA HIS G 140 62.06 -15.07 17.86
C HIS G 140 62.27 -14.44 19.27
N PRO G 141 63.08 -15.03 20.18
CA PRO G 141 63.25 -14.44 21.51
C PRO G 141 63.84 -13.03 21.50
N TRP G 142 63.25 -12.09 22.31
CA TRP G 142 63.69 -10.69 22.43
C TRP G 142 65.14 -10.61 22.94
N THR G 143 65.92 -9.61 22.46
CA THR G 143 67.33 -9.37 22.78
C THR G 143 67.65 -9.38 24.28
N SER G 144 68.79 -10.00 24.62
CA SER G 144 69.29 -10.17 26.00
C SER G 144 69.68 -8.87 26.69
N CYS G 145 70.21 -7.89 25.92
CA CYS G 145 70.70 -6.57 26.34
C CYS G 145 71.97 -6.72 27.22
N GLU G 146 73.09 -7.10 26.57
CA GLU G 146 74.37 -7.36 27.23
C GLU G 146 75.60 -6.69 26.59
N THR G 147 75.50 -6.21 25.31
CA THR G 147 76.64 -5.56 24.64
C THR G 147 76.89 -4.18 25.25
N LYS G 148 77.94 -4.11 26.10
CA LYS G 148 78.39 -2.92 26.85
C LYS G 148 77.26 -2.28 27.68
N ASP G 149 77.07 -2.79 28.93
CA ASP G 149 76.07 -2.36 29.92
C ASP G 149 74.63 -2.76 29.54
N LEU G 150 73.88 -3.29 30.53
CA LEU G 150 72.49 -3.72 30.37
C LEU G 150 71.47 -2.55 30.53
N VAL G 151 70.27 -2.83 31.10
CA VAL G 151 69.14 -1.91 31.35
C VAL G 151 68.55 -1.38 30.04
N VAL G 152 67.50 -2.05 29.57
CA VAL G 152 66.78 -1.72 28.34
C VAL G 152 66.10 -0.35 28.43
N GLN G 153 66.00 0.36 27.30
CA GLN G 153 65.34 1.65 27.22
C GLN G 153 63.81 1.45 27.24
N GLN G 154 63.32 0.39 26.54
CA GLN G 154 61.90 0.00 26.46
C GLN G 154 61.71 -1.52 26.66
N ALA G 155 60.45 -1.95 26.94
CA ALA G 155 60.06 -3.34 27.19
C ALA G 155 60.32 -4.31 26.00
N GLY G 156 59.36 -4.40 25.07
CA GLY G 156 59.46 -5.26 23.89
C GLY G 156 58.85 -6.64 24.06
N THR G 157 57.51 -6.70 24.14
CA THR G 157 56.72 -7.92 24.33
C THR G 157 56.59 -8.77 23.04
N ASP G 158 55.43 -9.46 22.86
CA ASP G 158 55.13 -10.35 21.74
C ASP G 158 54.99 -9.65 20.39
N LYS G 159 54.58 -8.37 20.39
CA LYS G 159 54.41 -7.60 19.16
C LYS G 159 55.75 -7.10 18.62
N THR G 160 56.42 -6.18 19.36
CA THR G 160 57.69 -5.55 19.01
C THR G 160 58.27 -4.94 20.30
N ASP G 161 59.57 -4.58 20.40
CA ASP G 161 60.68 -4.67 19.46
C ASP G 161 62.00 -4.83 20.24
N VAL G 162 61.94 -4.57 21.57
CA VAL G 162 62.97 -4.57 22.63
C VAL G 162 64.09 -3.53 22.29
N VAL G 163 64.04 -2.37 23.00
CA VAL G 163 64.95 -1.24 22.83
C VAL G 163 66.06 -1.19 23.89
N CYS G 164 67.30 -0.99 23.43
CA CYS G 164 68.50 -0.91 24.28
C CYS G 164 69.47 0.17 23.75
N GLY G 165 69.97 1.06 24.62
CA GLY G 165 69.68 1.12 26.04
C GLY G 165 70.92 1.10 26.92
N PRO G 166 71.34 2.27 27.47
CA PRO G 166 72.54 2.29 28.32
C PRO G 166 72.23 2.16 29.83
N GLN G 167 73.24 1.78 30.65
CA GLN G 167 73.07 1.63 32.10
C GLN G 167 73.60 2.85 32.85
N THR H 2 51.97 -1.77 -13.88
CA THR H 2 51.13 -1.64 -12.69
C THR H 2 51.10 -2.92 -11.84
N GLU H 3 50.50 -3.99 -12.39
CA GLU H 3 50.32 -5.30 -11.76
C GLU H 3 51.62 -6.07 -11.50
N VAL H 4 51.54 -7.03 -10.58
CA VAL H 4 52.62 -7.91 -10.16
C VAL H 4 52.93 -8.94 -11.27
N GLN H 5 54.20 -8.98 -11.74
CA GLN H 5 54.67 -9.92 -12.76
C GLN H 5 55.90 -10.67 -12.29
N LEU H 6 55.80 -12.01 -12.25
CA LEU H 6 56.87 -12.91 -11.83
C LEU H 6 57.21 -13.82 -13.00
N LEU H 7 58.48 -13.81 -13.43
CA LEU H 7 58.88 -14.61 -14.58
C LEU H 7 59.91 -15.69 -14.24
N GLU H 8 59.43 -16.94 -14.31
CA GLU H 8 60.20 -18.15 -14.11
C GLU H 8 61.10 -18.38 -15.32
N SER H 9 62.28 -18.90 -15.05
CA SER H 9 63.29 -19.19 -16.06
C SER H 9 64.15 -20.29 -15.49
N GLY H 10 64.96 -20.89 -16.36
CA GLY H 10 65.91 -21.93 -16.01
C GLY H 10 65.36 -23.24 -15.47
N GLY H 11 64.37 -23.80 -16.15
CA GLY H 11 63.83 -25.12 -15.83
C GLY H 11 64.45 -26.14 -16.78
N GLY H 12 63.85 -27.33 -16.88
CA GLY H 12 64.34 -28.33 -17.82
C GLY H 12 64.43 -29.77 -17.40
N LEU H 13 64.93 -30.59 -18.34
CA LEU H 13 65.16 -32.01 -18.19
C LEU H 13 66.58 -32.22 -17.72
N VAL H 14 66.73 -33.09 -16.72
CA VAL H 14 68.00 -33.37 -16.11
C VAL H 14 68.06 -34.82 -15.58
N GLN H 15 69.25 -35.43 -15.66
CA GLN H 15 69.54 -36.79 -15.19
C GLN H 15 69.54 -36.79 -13.65
N PRO H 16 69.23 -37.92 -12.97
CA PRO H 16 69.25 -37.91 -11.50
C PRO H 16 70.66 -37.62 -10.98
N GLY H 17 70.72 -36.75 -9.99
CA GLY H 17 71.96 -36.27 -9.39
C GLY H 17 72.31 -34.91 -9.94
N GLY H 18 71.58 -34.50 -10.96
CA GLY H 18 71.76 -33.23 -11.65
C GLY H 18 71.45 -31.99 -10.84
N SER H 19 71.66 -30.82 -11.48
CA SER H 19 71.45 -29.52 -10.88
C SER H 19 70.78 -28.57 -11.83
N LEU H 20 70.03 -27.65 -11.23
CA LEU H 20 69.24 -26.62 -11.90
C LEU H 20 69.06 -25.43 -10.99
N ARG H 21 69.11 -24.22 -11.57
CA ARG H 21 68.90 -22.99 -10.83
C ARG H 21 67.70 -22.33 -11.44
N LEU H 22 66.64 -22.25 -10.65
CA LEU H 22 65.40 -21.56 -11.05
C LEU H 22 65.55 -20.09 -10.75
N SER H 23 65.08 -19.26 -11.66
CA SER H 23 65.17 -17.81 -11.52
C SER H 23 63.78 -17.24 -11.70
N CYS H 24 63.28 -16.53 -10.69
CA CYS H 24 61.97 -15.91 -10.72
C CYS H 24 62.10 -14.38 -10.74
N ALA H 25 62.21 -13.81 -11.96
CA ALA H 25 62.41 -12.37 -12.16
C ALA H 25 61.13 -11.58 -11.87
N ALA H 26 61.10 -10.91 -10.70
CA ALA H 26 59.95 -10.11 -10.26
C ALA H 26 59.99 -8.68 -10.77
N SER H 27 58.79 -8.12 -10.98
CA SER H 27 58.52 -6.75 -11.42
C SER H 27 57.13 -6.31 -10.96
N GLY H 28 56.94 -5.00 -10.83
CA GLY H 28 55.67 -4.40 -10.47
C GLY H 28 55.35 -4.22 -9.01
N PHE H 29 56.36 -4.39 -8.12
CA PHE H 29 56.20 -4.24 -6.67
C PHE H 29 57.54 -4.13 -5.94
N THR H 30 57.51 -3.61 -4.69
CA THR H 30 58.70 -3.47 -3.83
C THR H 30 59.11 -4.84 -3.29
N PHE H 31 59.71 -5.67 -4.20
CA PHE H 31 60.20 -7.02 -3.96
C PHE H 31 60.95 -7.14 -2.64
N ARG H 32 61.83 -6.17 -2.38
CA ARG H 32 62.66 -6.00 -1.19
C ARG H 32 61.88 -6.02 0.14
N ASP H 33 60.55 -5.77 0.09
CA ASP H 33 59.67 -5.67 1.26
C ASP H 33 58.80 -6.89 1.55
N TYR H 34 58.66 -7.85 0.63
CA TYR H 34 57.75 -8.96 0.96
C TYR H 34 58.39 -10.35 0.96
N GLU H 35 57.80 -11.27 1.78
CA GLU H 35 58.15 -12.68 1.96
C GLU H 35 57.85 -13.46 0.68
N MET H 36 58.74 -14.40 0.34
CA MET H 36 58.63 -15.19 -0.88
C MET H 36 58.60 -16.71 -0.67
N TRP H 37 58.04 -17.47 -1.68
CA TRP H 37 57.95 -18.95 -1.65
C TRP H 37 58.19 -19.62 -2.99
N TRP H 38 58.63 -20.88 -2.93
CA TRP H 38 58.78 -21.79 -4.06
C TRP H 38 57.88 -22.99 -3.77
N VAL H 39 56.94 -23.28 -4.68
CA VAL H 39 56.01 -24.40 -4.57
C VAL H 39 56.03 -25.25 -5.83
N ARG H 40 55.91 -26.57 -5.68
CA ARG H 40 55.91 -27.46 -6.84
C ARG H 40 54.58 -28.21 -6.97
N GLN H 41 54.09 -28.37 -8.21
CA GLN H 41 52.84 -29.07 -8.51
C GLN H 41 53.06 -30.14 -9.57
N ALA H 42 52.59 -31.34 -9.28
CA ALA H 42 52.74 -32.49 -10.17
C ALA H 42 51.43 -33.22 -10.21
N PRO H 43 51.08 -33.86 -11.35
CA PRO H 43 49.81 -34.59 -11.38
C PRO H 43 49.85 -35.80 -10.47
N GLY H 44 48.92 -35.85 -9.53
CA GLY H 44 48.82 -36.93 -8.56
C GLY H 44 49.48 -36.56 -7.27
N LYS H 45 50.71 -36.07 -7.36
CA LYS H 45 51.48 -35.63 -6.20
C LYS H 45 50.97 -34.24 -5.75
N GLY H 46 49.97 -33.73 -6.48
CA GLY H 46 49.27 -32.46 -6.30
C GLY H 46 49.75 -31.49 -5.23
N LEU H 47 50.39 -30.40 -5.68
CA LEU H 47 50.92 -29.28 -4.88
C LEU H 47 51.72 -29.64 -3.60
N GLU H 48 52.88 -28.99 -3.46
CA GLU H 48 53.79 -29.15 -2.33
C GLU H 48 54.56 -27.85 -2.13
N ARG H 49 54.56 -27.34 -0.91
CA ARG H 49 55.31 -26.12 -0.57
C ARG H 49 56.78 -26.54 -0.37
N VAL H 50 57.67 -26.01 -1.19
CA VAL H 50 59.09 -26.39 -1.20
C VAL H 50 59.98 -25.57 -0.23
N SER H 51 60.10 -24.28 -0.52
CA SER H 51 60.93 -23.41 0.26
C SER H 51 60.33 -22.02 0.44
N ALA H 52 60.82 -21.29 1.46
CA ALA H 52 60.42 -19.94 1.82
C ALA H 52 61.64 -19.13 2.27
N ILE H 53 61.55 -17.80 2.16
CA ILE H 53 62.58 -16.81 2.49
C ILE H 53 61.94 -15.48 2.96
N ASN H 54 62.69 -14.70 3.74
CA ASN H 54 62.24 -13.38 4.19
C ASN H 54 62.72 -12.35 3.16
N PRO H 55 62.21 -11.10 3.16
CA PRO H 55 62.67 -10.14 2.15
C PRO H 55 64.11 -9.68 2.34
N GLN H 56 64.65 -9.85 3.57
CA GLN H 56 66.04 -9.51 3.89
C GLN H 56 66.92 -10.64 3.33
N GLY H 57 66.43 -11.88 3.45
CA GLY H 57 67.09 -13.09 3.02
C GLY H 57 67.61 -13.92 4.18
N THR H 58 67.60 -13.36 5.41
CA THR H 58 68.12 -13.94 6.67
C THR H 58 67.53 -15.31 7.05
N ARG H 59 66.25 -15.34 7.50
CA ARG H 59 65.55 -16.58 7.88
C ARG H 59 65.04 -17.31 6.62
N THR H 60 65.08 -18.65 6.63
CA THR H 60 64.64 -19.47 5.49
C THR H 60 63.86 -20.72 5.93
N TYR H 61 62.98 -21.24 5.05
CA TYR H 61 62.24 -22.47 5.32
C TYR H 61 62.43 -23.42 4.17
N TYR H 62 62.52 -24.69 4.50
CA TYR H 62 62.69 -25.77 3.55
C TYR H 62 61.83 -26.95 3.99
N ALA H 63 61.19 -27.61 3.02
CA ALA H 63 60.47 -28.84 3.28
C ALA H 63 61.55 -29.89 3.61
N ASP H 64 61.24 -30.83 4.51
CA ASP H 64 62.19 -31.88 4.89
C ASP H 64 62.71 -32.59 3.64
N SER H 65 61.81 -32.95 2.70
CA SER H 65 62.12 -33.63 1.45
C SER H 65 63.27 -33.04 0.64
N VAL H 66 63.36 -31.70 0.55
CA VAL H 66 64.40 -31.04 -0.26
C VAL H 66 65.67 -30.60 0.50
N MET H 67 65.58 -30.55 1.83
CA MET H 67 66.61 -30.08 2.75
C MET H 67 68.01 -30.51 2.47
N GLY H 68 68.90 -29.53 2.35
CA GLY H 68 70.32 -29.80 2.14
C GLY H 68 70.73 -29.99 0.70
N ARG H 69 69.73 -30.27 -0.17
CA ARG H 69 69.88 -30.44 -1.62
C ARG H 69 69.45 -29.17 -2.28
N PHE H 70 68.33 -28.60 -1.82
CA PHE H 70 67.83 -27.36 -2.39
C PHE H 70 68.23 -26.14 -1.57
N THR H 71 68.32 -24.98 -2.24
CA THR H 71 68.73 -23.72 -1.63
C THR H 71 68.00 -22.50 -2.18
N ILE H 72 67.20 -21.86 -1.32
CA ILE H 72 66.49 -20.63 -1.68
C ILE H 72 67.43 -19.44 -1.51
N SER H 73 67.30 -18.43 -2.37
CA SER H 73 68.14 -17.24 -2.39
C SER H 73 67.42 -16.07 -3.12
N ARG H 74 67.91 -14.82 -2.90
CA ARG H 74 67.39 -13.61 -3.53
C ARG H 74 68.41 -12.47 -3.59
N ASP H 75 68.42 -11.76 -4.74
CA ASP H 75 69.21 -10.55 -4.99
C ASP H 75 68.14 -9.47 -5.14
N ASN H 76 67.95 -8.68 -4.09
CA ASN H 76 66.93 -7.64 -4.06
C ASN H 76 67.27 -6.48 -5.01
N SER H 77 68.57 -6.25 -5.27
CA SER H 77 69.04 -5.20 -6.18
C SER H 77 68.80 -5.61 -7.64
N LYS H 78 68.73 -6.93 -7.88
CA LYS H 78 68.44 -7.50 -9.20
C LYS H 78 66.95 -7.91 -9.27
N ASN H 79 66.24 -7.86 -8.11
CA ASN H 79 64.82 -8.18 -7.93
C ASN H 79 64.45 -9.60 -8.42
N THR H 80 65.37 -10.55 -8.24
CA THR H 80 65.17 -11.94 -8.67
C THR H 80 65.21 -12.91 -7.50
N LEU H 81 64.34 -13.93 -7.56
CA LEU H 81 64.23 -15.03 -6.59
C LEU H 81 64.88 -16.24 -7.21
N TYR H 82 65.53 -17.09 -6.39
CA TYR H 82 66.27 -18.23 -6.92
C TYR H 82 66.08 -19.52 -6.17
N LEU H 83 66.31 -20.62 -6.90
CA LEU H 83 66.29 -21.94 -6.30
C LEU H 83 67.40 -22.79 -6.84
N GLN H 84 68.46 -22.96 -6.02
CA GLN H 84 69.57 -23.84 -6.40
C GLN H 84 69.21 -25.24 -5.98
N MET H 85 68.72 -26.02 -6.96
CA MET H 85 68.29 -27.39 -6.80
C MET H 85 69.35 -28.33 -7.29
N ASN H 86 70.12 -28.90 -6.36
CA ASN H 86 71.19 -29.83 -6.65
C ASN H 86 70.81 -31.21 -6.14
N SER H 87 71.60 -32.24 -6.50
CA SER H 87 71.40 -33.65 -6.13
C SER H 87 69.95 -34.06 -6.42
N LEU H 88 69.48 -33.70 -7.61
CA LEU H 88 68.12 -33.91 -8.03
C LEU H 88 67.70 -35.38 -8.14
N ARG H 89 66.46 -35.66 -7.73
CA ARG H 89 65.83 -36.98 -7.70
C ARG H 89 64.49 -36.95 -8.46
N ALA H 90 64.05 -38.13 -8.95
CA ALA H 90 62.80 -38.28 -9.72
C ALA H 90 61.57 -37.64 -9.08
N GLU H 91 61.49 -37.63 -7.75
CA GLU H 91 60.41 -37.10 -6.93
C GLU H 91 60.27 -35.62 -7.11
N ASP H 92 61.38 -34.94 -7.42
CA ASP H 92 61.37 -33.50 -7.68
C ASP H 92 60.74 -33.13 -9.03
N THR H 93 60.53 -34.14 -9.92
CA THR H 93 59.88 -33.91 -11.20
C THR H 93 58.55 -33.33 -10.87
N ALA H 94 58.31 -32.09 -11.33
CA ALA H 94 57.08 -31.30 -11.16
C ALA H 94 57.19 -29.96 -11.86
N VAL H 95 56.24 -29.06 -11.58
CA VAL H 95 56.19 -27.72 -12.13
C VAL H 95 56.40 -26.78 -10.97
N TYR H 96 57.44 -25.98 -11.10
CA TYR H 96 57.83 -25.08 -10.04
C TYR H 96 57.31 -23.67 -10.23
N TYR H 97 56.74 -23.13 -9.14
CA TYR H 97 56.17 -21.79 -9.06
C TYR H 97 56.72 -20.95 -7.91
N CYS H 98 56.81 -19.65 -8.12
CA CYS H 98 57.25 -18.68 -7.13
C CYS H 98 56.07 -17.78 -6.76
N ALA H 99 55.98 -17.44 -5.47
CA ALA H 99 54.85 -16.63 -5.03
C ALA H 99 55.22 -15.60 -3.96
N LYS H 100 54.53 -14.41 -4.07
CA LYS H 100 54.63 -13.23 -3.21
C LYS H 100 53.47 -13.31 -2.22
N LEU H 101 53.69 -12.87 -0.97
CA LEU H 101 52.66 -12.81 0.05
C LEU H 101 51.59 -11.80 -0.40
N PRO H 102 50.28 -12.00 -0.11
CA PRO H 102 49.65 -13.04 0.73
C PRO H 102 49.24 -14.31 0.00
N PHE H 103 49.84 -14.52 -1.19
CA PHE H 103 49.71 -15.69 -2.07
C PHE H 103 48.31 -15.85 -2.68
N THR H 104 47.81 -14.74 -3.25
CA THR H 104 46.55 -14.69 -4.01
C THR H 104 46.87 -15.17 -5.44
N PHE H 105 45.87 -15.28 -6.31
CA PHE H 105 46.05 -15.74 -7.69
C PHE H 105 46.99 -14.92 -8.58
N ASP H 106 46.96 -13.59 -8.46
CA ASP H 106 47.83 -12.74 -9.28
C ASP H 106 49.28 -12.85 -8.82
N ASP H 107 49.50 -13.03 -7.50
CA ASP H 107 50.80 -13.15 -6.80
C ASP H 107 51.69 -14.35 -7.23
N TRP H 108 51.39 -14.99 -8.37
CA TRP H 108 52.09 -16.18 -8.81
C TRP H 108 52.82 -16.06 -10.12
N GLY H 109 53.97 -16.74 -10.18
CA GLY H 109 54.78 -16.84 -11.40
C GLY H 109 54.13 -17.75 -12.43
N GLN H 110 54.59 -17.70 -13.70
CA GLN H 110 54.01 -18.52 -14.76
C GLN H 110 54.37 -20.01 -14.64
N GLY H 111 55.36 -20.32 -13.82
CA GLY H 111 55.81 -21.68 -13.64
C GLY H 111 56.90 -22.08 -14.60
N THR H 112 57.68 -23.09 -14.19
CA THR H 112 58.75 -23.62 -15.00
C THR H 112 58.74 -25.13 -14.79
N LEU H 113 58.89 -25.91 -15.87
CA LEU H 113 58.84 -27.36 -15.75
C LEU H 113 60.21 -27.98 -15.45
N VAL H 114 60.25 -28.88 -14.47
CA VAL H 114 61.45 -29.57 -14.03
C VAL H 114 61.21 -31.06 -14.12
N THR H 115 62.06 -31.74 -14.91
CA THR H 115 61.93 -33.18 -15.20
C THR H 115 63.23 -33.96 -15.00
N VAL H 116 63.15 -35.04 -14.20
CA VAL H 116 64.28 -35.90 -13.87
C VAL H 116 64.06 -37.37 -14.34
N SER H 117 64.93 -37.86 -15.25
CA SER H 117 64.83 -39.22 -15.82
C SER H 117 66.19 -39.76 -16.33
N SER H 118 66.15 -40.83 -17.17
CA SER H 118 67.28 -41.47 -17.85
C SER H 118 67.03 -41.59 -19.38
#